data_1AYN
#
_entry.id   1AYN
#
_cell.length_a   362.600
_cell.length_b   347.100
_cell.length_c   334.900
_cell.angle_alpha   90.00
_cell.angle_beta   90.00
_cell.angle_gamma   90.00
#
_symmetry.space_group_name_H-M   'P 2 21 21'
#
loop_
_entity.id
_entity.type
_entity.pdbx_description
1 polymer 'HUMAN RHINOVIRUS 16 COAT PROTEIN'
2 polymer 'HUMAN RHINOVIRUS 16 COAT PROTEIN'
3 polymer 'HUMAN RHINOVIRUS 16 COAT PROTEIN'
4 polymer 'HUMAN RHINOVIRUS 16 COAT PROTEIN'
5 non-polymer 'ZINC ION'
6 non-polymer 'LAURIC ACID'
7 non-polymer 'MYRISTIC ACID'
8 water water
#
loop_
_entity_poly.entity_id
_entity_poly.type
_entity_poly.pdbx_seq_one_letter_code
_entity_poly.pdbx_strand_id
1 'polypeptide(L)'
;NPVERYVDEVLNEVLVVPNINQSHPTTSNAAPVLDAAETGHTNKIQPEDTIETRYVQSSQTLDEMSVESFLGRSGCIHES
VLDIVDNYNDQSFTKWNINLQEMAQIRRKFEMFTYARFDSEITMVPSVAAKDGHIGHIVMQYMYVPPGAPIPTTRDDYAW
QSGTNASVFWQHGQPFPRFSLPFLSIASAYYMFYDGYDGDTYKSRYGTVVTNDMGTLCSRIVTSEQLHKVKVVTRIYHKA
KHTKAWCPRPPRAVQYSHTHTTNYKLSSEVHNDVAIRPRTNLTTV
;
1
2 'polypeptide(L)'
;SPSVEACGYSDRIIQITRGDSTITSQDVANAVVGYGVWPHYLTPQDATAIDKPTQPDTSSNRFYTLDSKMWNSTSKGWWW
KLPDALKDMGIFGENMFYHFLGRSGYTVHVQCNASKFHQGTLLVVMIPEHQLATVNKGNVNAGYKYTHPGEAGREVGTQV
ENEKQPSDDNWLNFDGTLLGNLLIFPHQFINLRSNNSATLIVPYVNAVPMDSMVRHNNWSLVIIPVCQLQSNNISNIVPI
TVSISPMCAEFSGARAKTVVQ
;
2
3 'polypeptide(L)'
;GLPVYVTPGSGQFMTTDDMQSPCALPWYHPTKEIFIPGEVKNLIEMCQVDTLIPINSTQSNIGNVSMYTVTLSPQTKLAE
EIFAIKVDIASHPLATTLIGEIASYFTHWTGSLRFSFMFCGTANTTLKVLLAYTPPGIGKPRSRKEAMLGTHVVWDVGLQ
STVSLVVPWISASQYRFTTPDTYSSAGYITCWYQTNFVVPPNTPNTAEMLCFVSGCKDFCLRMARDTDLHKQTGPITQ
;
3
4 'polypeptide(L)' GAQVSRQNVGTHSTQNMVSNGSSLNYFNINYFKDAASSGASRLDFSQDPSKFTDPVKDVLEKGIPTLQ 4
#
# COMPACT_ATOMS: atom_id res chain seq x y z
N ASN A 1 12.05 24.85 21.21
CA ASN A 1 11.43 26.18 21.19
C ASN A 1 10.43 26.28 20.03
N PRO A 2 9.16 26.59 20.32
CA PRO A 2 8.15 26.71 19.25
C PRO A 2 8.51 27.71 18.16
N VAL A 3 9.30 28.71 18.51
CA VAL A 3 9.71 29.72 17.53
C VAL A 3 10.76 29.15 16.57
N GLU A 4 11.73 28.41 17.10
CA GLU A 4 12.74 27.80 16.24
C GLU A 4 12.01 26.79 15.35
N ARG A 5 11.06 26.09 15.96
CA ARG A 5 10.25 25.10 15.27
C ARG A 5 9.40 25.80 14.20
N TYR A 6 8.99 27.03 14.51
CA TYR A 6 8.20 27.83 13.57
C TYR A 6 9.02 28.14 12.33
N VAL A 7 10.27 28.54 12.53
CA VAL A 7 11.16 28.86 11.44
C VAL A 7 11.32 27.64 10.54
N ASP A 8 11.40 26.46 11.16
CA ASP A 8 11.53 25.22 10.43
C ASP A 8 10.32 24.99 9.54
N GLU A 9 9.14 25.38 10.03
CA GLU A 9 7.91 25.24 9.26
C GLU A 9 7.98 26.14 8.02
N VAL A 10 8.39 27.39 8.22
CA VAL A 10 8.49 28.36 7.15
C VAL A 10 9.52 27.97 6.09
N LEU A 11 10.65 27.45 6.54
CA LEU A 11 11.72 27.05 5.63
C LEU A 11 11.54 25.62 5.12
N ASN A 12 10.62 24.89 5.75
CA ASN A 12 10.31 23.49 5.42
C ASN A 12 11.53 22.62 5.66
N GLU A 13 12.08 22.74 6.87
CA GLU A 13 13.27 21.99 7.25
C GLU A 13 13.06 21.23 8.55
N VAL A 14 11.85 20.73 8.75
CA VAL A 14 11.51 20.00 9.96
C VAL A 14 12.19 18.63 10.00
N LEU A 15 12.26 17.97 8.86
CA LEU A 15 12.86 16.64 8.78
C LEU A 15 14.01 16.66 7.80
N VAL A 16 15.24 16.64 8.29
CA VAL A 16 16.42 16.67 7.43
C VAL A 16 16.99 15.29 7.14
N VAL A 17 17.50 15.10 5.93
CA VAL A 17 18.10 13.82 5.56
C VAL A 17 19.56 13.82 6.03
N PRO A 18 20.12 12.67 6.42
CA PRO A 18 21.48 12.58 6.94
C PRO A 18 22.52 12.93 5.91
N ASN A 19 23.72 13.21 6.40
CA ASN A 19 24.88 13.52 5.55
C ASN A 19 25.55 12.23 5.08
N ILE A 20 26.43 12.40 4.13
CA ILE A 20 27.28 11.31 3.65
C ILE A 20 28.64 11.57 4.23
N ASN A 21 29.17 10.59 4.91
CA ASN A 21 30.48 10.72 5.54
C ASN A 21 31.54 10.13 4.63
N GLN A 22 32.74 10.61 4.84
CA GLN A 22 33.89 10.15 4.07
C GLN A 22 34.24 8.73 4.49
N SER A 23 34.40 7.85 3.52
CA SER A 23 34.79 6.48 3.83
C SER A 23 36.18 6.21 3.27
N HIS A 24 36.71 5.03 3.56
CA HIS A 24 38.05 4.66 3.13
C HIS A 24 38.09 3.24 2.61
N PRO A 25 39.19 2.84 1.94
CA PRO A 25 39.25 1.47 1.43
C PRO A 25 39.26 0.51 2.61
N THR A 26 38.67 -0.66 2.41
CA THR A 26 38.63 -1.66 3.47
C THR A 26 38.91 -3.06 2.96
N THR A 27 39.44 -3.88 3.86
CA THR A 27 39.78 -5.27 3.56
C THR A 27 39.38 -5.96 4.86
N SER A 28 38.16 -6.46 4.94
CA SER A 28 37.70 -7.11 6.16
C SER A 28 36.90 -8.37 5.91
N ASN A 29 36.76 -9.19 6.95
CA ASN A 29 35.99 -10.43 6.85
C ASN A 29 34.54 -10.17 7.22
N ALA A 30 34.20 -8.88 7.33
CA ALA A 30 32.84 -8.45 7.63
C ALA A 30 32.37 -7.84 6.33
N ALA A 31 31.47 -8.54 5.64
CA ALA A 31 30.99 -8.05 4.36
C ALA A 31 29.54 -7.56 4.43
N PRO A 32 29.35 -6.24 4.61
CA PRO A 32 28.01 -5.64 4.71
C PRO A 32 27.15 -5.88 3.46
N VAL A 33 27.78 -5.97 2.29
CA VAL A 33 27.03 -6.17 1.05
C VAL A 33 26.29 -7.50 0.99
N LEU A 34 26.81 -8.50 1.68
CA LEU A 34 26.19 -9.81 1.69
C LEU A 34 25.15 -9.91 2.80
N ASP A 35 24.00 -10.47 2.47
CA ASP A 35 22.94 -10.60 3.45
C ASP A 35 21.98 -11.68 2.96
N ALA A 36 20.79 -11.75 3.56
CA ALA A 36 19.79 -12.74 3.21
C ALA A 36 18.40 -12.13 3.15
N ALA A 37 17.88 -11.95 1.94
CA ALA A 37 16.56 -11.37 1.75
C ALA A 37 15.45 -12.28 2.29
N GLU A 38 15.77 -13.55 2.51
CA GLU A 38 14.80 -14.51 3.03
C GLU A 38 14.23 -14.05 4.35
N THR A 39 15.04 -13.35 5.14
CA THR A 39 14.63 -12.87 6.45
C THR A 39 13.43 -11.93 6.41
N GLY A 40 13.22 -11.31 5.25
CA GLY A 40 12.12 -10.37 5.09
C GLY A 40 12.55 -8.96 5.43
N HIS A 41 13.83 -8.78 5.72
CA HIS A 41 14.39 -7.49 6.08
C HIS A 41 15.22 -6.88 4.94
N THR A 42 15.25 -5.56 4.86
CA THR A 42 16.02 -4.89 3.82
C THR A 42 17.43 -4.65 4.35
N ASN A 43 18.43 -4.92 3.51
CA ASN A 43 19.83 -4.71 3.90
C ASN A 43 20.04 -3.22 4.05
N LYS A 44 20.45 -2.78 5.22
CA LYS A 44 20.64 -1.36 5.46
C LYS A 44 22.01 -0.81 5.03
N ILE A 45 22.60 -1.41 4.01
CA ILE A 45 23.90 -0.95 3.52
C ILE A 45 23.75 0.45 2.92
N GLN A 46 24.74 1.31 3.17
CA GLN A 46 24.73 2.67 2.66
C GLN A 46 25.92 2.92 1.73
N PRO A 47 25.90 4.02 0.95
CA PRO A 47 27.00 4.29 0.01
C PRO A 47 28.41 4.25 0.60
N GLU A 48 28.57 4.64 1.85
CA GLU A 48 29.88 4.62 2.49
C GLU A 48 30.44 3.21 2.65
N ASP A 49 29.57 2.22 2.57
CA ASP A 49 29.95 0.81 2.72
C ASP A 49 30.43 0.13 1.45
N THR A 50 30.04 0.63 0.29
CA THR A 50 30.45 0.01 -0.96
C THR A 50 31.51 0.77 -1.75
N ILE A 51 31.60 2.08 -1.54
CA ILE A 51 32.60 2.88 -2.26
C ILE A 51 33.27 3.87 -1.33
N GLU A 52 34.31 4.53 -1.81
CA GLU A 52 34.99 5.53 -1.01
C GLU A 52 34.31 6.86 -1.26
N THR A 53 33.45 7.25 -0.33
CA THR A 53 32.71 8.50 -0.45
C THR A 53 33.45 9.68 0.18
N ARG A 54 32.97 10.87 -0.14
CA ARG A 54 33.51 12.11 0.41
C ARG A 54 32.50 12.60 1.42
N TYR A 55 32.85 13.63 2.17
CA TYR A 55 31.90 14.18 3.13
C TYR A 55 31.02 15.19 2.40
N VAL A 56 29.71 15.04 2.52
CA VAL A 56 28.79 15.96 1.87
C VAL A 56 27.71 16.33 2.86
N GLN A 57 27.44 17.62 3.02
CA GLN A 57 26.41 18.08 3.94
C GLN A 57 25.06 18.13 3.24
N SER A 58 24.16 17.27 3.67
CA SER A 58 22.82 17.19 3.10
C SER A 58 21.95 18.36 3.55
N SER A 59 21.22 18.93 2.60
CA SER A 59 20.35 20.06 2.87
C SER A 59 18.94 19.76 2.39
N GLN A 60 18.63 18.49 2.16
CA GLN A 60 17.33 18.09 1.69
C GLN A 60 16.44 17.80 2.90
N THR A 61 15.14 17.96 2.72
CA THR A 61 14.21 17.68 3.80
C THR A 61 13.09 16.79 3.33
N LEU A 62 12.50 16.06 4.26
CA LEU A 62 11.45 15.11 3.95
C LEU A 62 10.04 15.62 4.28
N ASP A 63 9.94 16.89 4.64
CA ASP A 63 8.65 17.50 5.00
C ASP A 63 7.56 17.24 3.96
N GLU A 64 7.87 17.49 2.69
CA GLU A 64 6.90 17.32 1.62
C GLU A 64 6.46 15.86 1.41
N MET A 65 7.25 14.92 1.92
CA MET A 65 6.92 13.50 1.77
C MET A 65 6.10 12.95 2.93
N SER A 66 5.71 13.84 3.83
CA SER A 66 4.91 13.44 4.97
C SER A 66 3.52 13.02 4.51
N VAL A 67 2.84 12.22 5.33
CA VAL A 67 1.49 11.77 5.00
C VAL A 67 0.55 12.98 4.93
N GLU A 68 0.76 13.97 5.81
CA GLU A 68 -0.06 15.17 5.83
C GLU A 68 0.05 15.90 4.49
N SER A 69 1.27 15.99 3.98
CA SER A 69 1.52 16.65 2.70
C SER A 69 0.96 15.85 1.53
N PHE A 70 1.23 14.55 1.53
CA PHE A 70 0.78 13.65 0.48
C PHE A 70 -0.73 13.65 0.29
N LEU A 71 -1.47 13.53 1.39
CA LEU A 71 -2.92 13.51 1.36
C LEU A 71 -3.56 14.88 1.60
N GLY A 72 -2.74 15.86 1.96
CA GLY A 72 -3.25 17.20 2.23
C GLY A 72 -3.40 18.15 1.04
N ARG A 73 -3.86 17.62 -0.09
CA ARG A 73 -4.08 18.41 -1.30
C ARG A 73 -5.48 18.18 -1.82
N SER A 74 -6.20 19.27 -2.07
CA SER A 74 -7.58 19.19 -2.55
C SER A 74 -7.74 18.62 -3.94
N GLY A 75 -8.51 17.54 -4.05
CA GLY A 75 -8.76 16.91 -5.33
C GLY A 75 -10.24 16.73 -5.50
N CYS A 76 -10.70 16.71 -6.75
CA CYS A 76 -12.12 16.55 -7.05
C CYS A 76 -12.60 15.14 -6.70
N ILE A 77 -13.74 15.04 -6.03
CA ILE A 77 -14.30 13.74 -5.67
C ILE A 77 -15.68 13.51 -6.26
N HIS A 78 -16.27 14.56 -6.81
CA HIS A 78 -17.62 14.45 -7.37
C HIS A 78 -17.98 15.65 -8.24
N GLU A 79 -18.81 15.41 -9.26
CA GLU A 79 -19.28 16.46 -10.15
C GLU A 79 -20.80 16.34 -10.19
N SER A 80 -21.46 17.19 -9.42
CA SER A 80 -22.92 17.18 -9.35
C SER A 80 -23.46 17.99 -10.51
N VAL A 81 -24.43 17.43 -11.22
CA VAL A 81 -25.02 18.12 -12.37
C VAL A 81 -26.52 18.33 -12.23
N LEU A 82 -26.96 19.57 -12.40
CA LEU A 82 -28.38 19.91 -12.37
C LEU A 82 -28.63 20.59 -13.69
N ASP A 83 -29.15 19.81 -14.63
CA ASP A 83 -29.44 20.29 -15.97
C ASP A 83 -30.94 20.45 -16.19
N ILE A 84 -31.40 21.70 -16.20
CA ILE A 84 -32.82 21.97 -16.42
C ILE A 84 -33.13 21.80 -17.90
N VAL A 85 -33.80 20.71 -18.23
CA VAL A 85 -34.14 20.43 -19.61
C VAL A 85 -35.59 20.74 -19.92
N ASP A 86 -36.51 19.98 -19.32
CA ASP A 86 -37.92 20.19 -19.58
C ASP A 86 -38.81 20.20 -18.35
N ASN A 87 -38.27 19.85 -17.20
CA ASN A 87 -39.07 19.86 -15.98
C ASN A 87 -38.28 20.42 -14.82
N TYR A 88 -38.57 21.65 -14.46
CA TYR A 88 -37.86 22.30 -13.37
C TYR A 88 -37.98 21.59 -12.04
N ASN A 89 -39.20 21.23 -11.66
CA ASN A 89 -39.43 20.57 -10.39
C ASN A 89 -38.62 19.32 -10.20
N ASP A 90 -38.47 18.54 -11.26
CA ASP A 90 -37.73 17.30 -11.16
C ASP A 90 -36.24 17.46 -11.37
N GLN A 91 -35.86 18.38 -12.24
CA GLN A 91 -34.45 18.59 -12.54
C GLN A 91 -33.69 19.60 -11.70
N SER A 92 -34.37 20.29 -10.79
CA SER A 92 -33.71 21.29 -9.98
C SER A 92 -33.07 20.82 -8.67
N PHE A 93 -33.12 19.52 -8.41
CA PHE A 93 -32.52 19.00 -7.19
C PHE A 93 -31.98 17.60 -7.44
N THR A 94 -31.02 17.17 -6.62
CA THR A 94 -30.41 15.86 -6.77
C THR A 94 -29.77 15.40 -5.46
N LYS A 95 -29.29 14.17 -5.44
CA LYS A 95 -28.64 13.61 -4.26
C LYS A 95 -27.43 12.79 -4.69
N TRP A 96 -26.50 12.57 -3.76
CA TRP A 96 -25.31 11.79 -4.04
C TRP A 96 -24.89 11.06 -2.79
N ASN A 97 -24.70 9.75 -2.90
CA ASN A 97 -24.27 8.94 -1.77
C ASN A 97 -22.76 9.20 -1.69
N ILE A 98 -22.37 9.96 -0.69
CA ILE A 98 -20.99 10.36 -0.47
C ILE A 98 -19.97 9.24 -0.38
N ASN A 99 -18.84 9.43 -1.05
CA ASN A 99 -17.75 8.46 -1.05
C ASN A 99 -16.53 9.05 -1.75
N LEU A 100 -15.36 8.47 -1.50
CA LEU A 100 -14.11 8.93 -2.13
C LEU A 100 -13.62 7.89 -3.14
N GLN A 101 -14.53 7.07 -3.63
CA GLN A 101 -14.22 5.99 -4.56
C GLN A 101 -14.46 6.25 -6.05
N GLU A 102 -15.13 7.35 -6.37
CA GLU A 102 -15.45 7.67 -7.76
C GLU A 102 -14.40 8.33 -8.64
N MET A 103 -13.41 9.01 -8.03
CA MET A 103 -12.34 9.67 -8.81
C MET A 103 -11.02 8.95 -8.55
N ALA A 104 -10.48 8.30 -9.59
CA ALA A 104 -9.25 7.54 -9.47
C ALA A 104 -8.04 8.25 -8.89
N GLN A 105 -7.88 9.52 -9.25
CA GLN A 105 -6.75 10.31 -8.81
C GLN A 105 -6.54 10.33 -7.30
N ILE A 106 -7.55 10.72 -6.54
CA ILE A 106 -7.42 10.78 -5.09
C ILE A 106 -7.61 9.42 -4.42
N ARG A 107 -8.48 8.60 -4.98
CA ARG A 107 -8.76 7.26 -4.46
C ARG A 107 -7.48 6.44 -4.34
N ARG A 108 -6.66 6.46 -5.39
CA ARG A 108 -5.42 5.70 -5.39
C ARG A 108 -4.43 6.12 -4.32
N LYS A 109 -4.40 7.41 -3.98
CA LYS A 109 -3.48 7.89 -2.96
C LYS A 109 -3.90 7.40 -1.58
N PHE A 110 -5.18 7.51 -1.28
CA PHE A 110 -5.68 7.06 0.01
C PHE A 110 -5.53 5.55 0.14
N GLU A 111 -5.74 4.85 -0.97
CA GLU A 111 -5.66 3.39 -0.97
C GLU A 111 -4.26 2.81 -0.89
N MET A 112 -3.27 3.66 -0.60
CA MET A 112 -1.92 3.16 -0.44
C MET A 112 -1.71 2.84 1.04
N PHE A 113 -2.79 2.94 1.81
CA PHE A 113 -2.78 2.67 3.24
C PHE A 113 -4.02 1.83 3.52
N THR A 114 -3.96 0.99 4.54
CA THR A 114 -5.09 0.14 4.88
C THR A 114 -6.14 0.87 5.70
N TYR A 115 -5.68 1.69 6.64
CA TYR A 115 -6.59 2.47 7.48
C TYR A 115 -6.10 3.91 7.47
N ALA A 116 -7.02 4.85 7.55
CA ALA A 116 -6.63 6.25 7.57
C ALA A 116 -7.63 7.01 8.42
N ARG A 117 -7.13 7.96 9.20
CA ARG A 117 -7.99 8.77 10.06
C ARG A 117 -7.64 10.23 9.73
N PHE A 118 -8.67 11.04 9.47
CA PHE A 118 -8.43 12.44 9.13
C PHE A 118 -9.71 13.27 9.14
N ASP A 119 -9.54 14.58 9.17
CA ASP A 119 -10.67 15.51 9.12
C ASP A 119 -10.77 15.90 7.67
N SER A 120 -11.93 16.34 7.24
CA SER A 120 -12.09 16.69 5.84
C SER A 120 -12.42 18.15 5.61
N GLU A 121 -11.82 18.71 4.57
CA GLU A 121 -12.09 20.08 4.17
C GLU A 121 -12.78 19.92 2.83
N ILE A 122 -14.00 20.43 2.71
CA ILE A 122 -14.76 20.34 1.48
C ILE A 122 -14.93 21.72 0.85
N THR A 123 -14.47 21.88 -0.38
CA THR A 123 -14.63 23.17 -1.09
C THR A 123 -15.49 22.83 -2.29
N MET A 124 -16.46 23.68 -2.61
CA MET A 124 -17.33 23.43 -3.74
C MET A 124 -17.14 24.50 -4.80
N VAL A 125 -17.07 24.09 -6.06
CA VAL A 125 -16.90 25.03 -7.16
C VAL A 125 -18.11 24.92 -8.10
N PRO A 126 -19.13 25.78 -7.92
CA PRO A 126 -20.32 25.74 -8.76
C PRO A 126 -20.14 26.60 -10.01
N SER A 127 -20.59 26.11 -11.15
CA SER A 127 -20.51 26.88 -12.38
C SER A 127 -21.86 26.79 -13.07
N VAL A 128 -22.48 27.95 -13.30
CA VAL A 128 -23.79 28.04 -13.91
C VAL A 128 -23.68 28.31 -15.41
N ALA A 129 -24.08 27.34 -16.23
CA ALA A 129 -24.03 27.51 -17.68
C ALA A 129 -25.34 28.11 -18.17
N ALA A 130 -25.25 29.26 -18.81
CA ALA A 130 -26.42 29.94 -19.36
C ALA A 130 -26.80 29.29 -20.69
N LYS A 131 -27.63 28.26 -20.62
CA LYS A 131 -28.07 27.54 -21.81
C LYS A 131 -28.91 28.41 -22.74
N ASP A 132 -29.77 29.23 -22.16
CA ASP A 132 -30.65 30.09 -22.94
C ASP A 132 -30.21 31.54 -23.00
N GLY A 133 -29.12 31.90 -22.33
CA GLY A 133 -28.67 33.28 -22.39
C GLY A 133 -28.40 33.95 -21.05
N HIS A 134 -29.42 34.07 -20.20
CA HIS A 134 -29.24 34.71 -18.90
C HIS A 134 -29.29 33.64 -17.81
N ILE A 135 -28.73 33.95 -16.64
CA ILE A 135 -28.75 33.02 -15.52
C ILE A 135 -29.60 33.51 -14.33
N GLY A 136 -29.94 34.79 -14.33
CA GLY A 136 -30.73 35.35 -13.25
C GLY A 136 -30.00 35.36 -11.92
N HIS A 137 -30.71 35.04 -10.85
CA HIS A 137 -30.12 35.00 -9.53
C HIS A 137 -30.14 33.55 -9.06
N ILE A 138 -28.99 32.89 -9.12
CA ILE A 138 -28.90 31.50 -8.70
C ILE A 138 -28.45 31.34 -7.25
N VAL A 139 -29.30 30.73 -6.43
CA VAL A 139 -28.98 30.46 -5.03
C VAL A 139 -29.08 28.95 -4.87
N MET A 140 -28.02 28.33 -4.36
CA MET A 140 -27.95 26.89 -4.18
C MET A 140 -28.04 26.49 -2.71
N GLN A 141 -28.49 25.26 -2.46
CA GLN A 141 -28.54 24.74 -1.10
C GLN A 141 -27.93 23.35 -1.13
N TYR A 142 -26.93 23.13 -0.30
CA TYR A 142 -26.27 21.83 -0.21
C TYR A 142 -26.55 21.34 1.20
N MET A 143 -27.34 20.27 1.32
CA MET A 143 -27.68 19.74 2.63
C MET A 143 -27.03 18.39 2.89
N TYR A 144 -26.38 18.26 4.04
CA TYR A 144 -25.73 17.02 4.43
C TYR A 144 -26.74 16.15 5.18
N VAL A 145 -27.18 15.07 4.56
CA VAL A 145 -28.14 14.18 5.17
C VAL A 145 -27.48 12.92 5.71
N PRO A 146 -27.27 12.86 7.04
CA PRO A 146 -26.64 11.69 7.67
C PRO A 146 -27.55 10.48 7.50
N PRO A 147 -26.98 9.26 7.51
CA PRO A 147 -27.82 8.07 7.35
C PRO A 147 -28.92 8.00 8.43
N GLY A 148 -30.16 7.98 7.96
CA GLY A 148 -31.30 7.92 8.86
C GLY A 148 -32.21 9.12 8.63
N ALA A 149 -31.62 10.30 8.45
CA ALA A 149 -32.40 11.50 8.22
C ALA A 149 -33.18 11.35 6.93
N PRO A 150 -34.39 11.93 6.88
CA PRO A 150 -35.23 11.84 5.68
C PRO A 150 -34.63 12.53 4.46
N ILE A 151 -34.59 11.79 3.35
CA ILE A 151 -34.08 12.33 2.08
C ILE A 151 -35.23 12.97 1.30
N PRO A 152 -35.08 14.24 0.90
CA PRO A 152 -36.12 14.95 0.14
C PRO A 152 -36.46 14.27 -1.18
N THR A 153 -37.76 14.18 -1.47
CA THR A 153 -38.21 13.55 -2.70
C THR A 153 -38.68 14.55 -3.75
N THR A 154 -38.82 15.81 -3.35
CA THR A 154 -39.25 16.87 -4.25
C THR A 154 -38.41 18.11 -3.94
N ARG A 155 -38.42 19.09 -4.84
CA ARG A 155 -37.64 20.30 -4.59
C ARG A 155 -38.22 21.14 -3.46
N ASP A 156 -39.45 20.84 -3.05
CA ASP A 156 -40.08 21.59 -1.98
C ASP A 156 -40.35 20.70 -0.78
N ASP A 157 -39.64 19.59 -0.70
CA ASP A 157 -39.80 18.64 0.39
C ASP A 157 -39.54 19.30 1.74
N TYR A 158 -40.26 18.89 2.79
CA TYR A 158 -40.09 19.47 4.12
C TYR A 158 -38.67 19.25 4.66
N ALA A 159 -38.00 18.21 4.17
CA ALA A 159 -36.64 17.92 4.63
C ALA A 159 -35.71 19.07 4.33
N TRP A 160 -36.04 19.87 3.32
CA TRP A 160 -35.19 21.02 2.97
C TRP A 160 -35.14 22.08 4.08
N GLN A 161 -36.05 22.01 5.05
CA GLN A 161 -36.09 22.97 6.15
C GLN A 161 -34.79 22.98 6.95
N SER A 162 -34.07 21.85 6.92
CA SER A 162 -32.79 21.72 7.60
C SER A 162 -32.87 22.11 9.09
N GLY A 163 -33.92 21.65 9.76
CA GLY A 163 -34.10 21.98 11.16
C GLY A 163 -32.95 21.53 12.03
N THR A 164 -32.24 20.50 11.59
CA THR A 164 -31.13 19.98 12.35
C THR A 164 -29.91 19.69 11.47
N ASN A 165 -30.16 19.27 10.24
CA ASN A 165 -29.08 18.95 9.30
C ASN A 165 -28.32 20.21 8.91
N ALA A 166 -27.05 20.03 8.57
CA ALA A 166 -26.23 21.15 8.16
C ALA A 166 -26.47 21.44 6.68
N SER A 167 -26.77 22.70 6.37
CA SER A 167 -27.00 23.12 5.00
C SER A 167 -26.11 24.31 4.70
N VAL A 168 -25.59 24.37 3.48
CA VAL A 168 -24.75 25.49 3.06
C VAL A 168 -25.46 26.15 1.88
N PHE A 169 -25.74 27.45 2.03
CA PHE A 169 -26.40 28.21 0.99
C PHE A 169 -25.38 29.07 0.26
N TRP A 170 -25.34 28.94 -1.06
CA TRP A 170 -24.41 29.71 -1.85
C TRP A 170 -25.18 30.58 -2.82
N GLN A 171 -24.79 31.84 -2.87
CA GLN A 171 -25.41 32.81 -3.75
C GLN A 171 -24.42 33.09 -4.87
N HIS A 172 -24.85 32.86 -6.10
CA HIS A 172 -24.00 33.10 -7.26
C HIS A 172 -23.31 34.46 -7.19
N GLY A 173 -22.00 34.46 -7.40
CA GLY A 173 -21.25 35.70 -7.34
C GLY A 173 -20.35 35.73 -6.13
N GLN A 174 -20.80 35.08 -5.05
CA GLN A 174 -20.02 35.02 -3.81
C GLN A 174 -18.90 33.99 -3.95
N PRO A 175 -17.86 34.09 -3.10
CA PRO A 175 -16.76 33.14 -3.18
C PRO A 175 -17.19 31.69 -2.96
N PHE A 176 -16.36 30.77 -3.41
CA PHE A 176 -16.63 29.34 -3.30
C PHE A 176 -16.87 28.90 -1.87
N PRO A 177 -17.97 28.16 -1.63
CA PRO A 177 -18.27 27.68 -0.28
C PRO A 177 -17.25 26.64 0.19
N ARG A 178 -16.99 26.61 1.49
CA ARG A 178 -16.03 25.66 2.06
C ARG A 178 -16.34 25.42 3.53
N PHE A 179 -16.21 24.19 3.97
CA PHE A 179 -16.45 23.85 5.36
C PHE A 179 -15.66 22.60 5.74
N SER A 180 -15.45 22.41 7.04
CA SER A 180 -14.71 21.24 7.51
C SER A 180 -15.68 20.24 8.18
N LEU A 181 -15.27 18.99 8.10
CA LEU A 181 -16.03 17.85 8.69
C LEU A 181 -15.12 17.02 9.59
N PRO A 182 -15.47 16.81 10.86
CA PRO A 182 -14.66 15.98 11.75
C PRO A 182 -14.64 14.53 11.28
N PHE A 183 -13.70 13.76 11.83
CA PHE A 183 -13.59 12.31 11.55
C PHE A 183 -14.97 11.70 11.86
N LEU A 184 -15.65 11.29 10.81
CA LEU A 184 -17.07 10.85 10.90
C LEU A 184 -17.32 9.36 11.24
N SER A 185 -16.30 8.52 11.24
CA SER A 185 -16.52 7.06 11.46
C SER A 185 -16.92 6.71 12.91
N ILE A 186 -17.56 5.54 13.01
CA ILE A 186 -18.00 4.96 14.30
C ILE A 186 -16.89 4.04 14.84
N ALA A 187 -15.86 3.94 14.03
CA ALA A 187 -14.64 3.18 14.34
C ALA A 187 -13.52 4.19 14.59
N SER A 188 -12.34 3.69 14.89
CA SER A 188 -11.20 4.56 15.21
C SER A 188 -10.50 5.07 13.96
N ALA A 189 -10.78 4.45 12.82
CA ALA A 189 -10.18 4.85 11.56
C ALA A 189 -11.07 4.41 10.42
N TYR A 190 -10.87 5.04 9.26
CA TYR A 190 -11.65 4.69 8.07
C TYR A 190 -11.01 3.45 7.47
N TYR A 191 -11.84 2.50 7.06
CA TYR A 191 -11.33 1.29 6.43
C TYR A 191 -11.10 1.63 4.97
N MET A 192 -9.88 1.45 4.50
CA MET A 192 -9.61 1.70 3.09
C MET A 192 -9.86 0.39 2.36
N PHE A 193 -9.71 -0.71 3.10
CA PHE A 193 -9.94 -2.06 2.58
C PHE A 193 -10.61 -2.81 3.73
N TYR A 194 -11.51 -3.72 3.40
CA TYR A 194 -12.21 -4.47 4.42
C TYR A 194 -12.51 -5.89 3.93
N ASP A 195 -11.75 -6.86 4.44
CA ASP A 195 -11.95 -8.25 4.06
C ASP A 195 -13.04 -8.83 4.96
N GLY A 196 -14.25 -8.32 4.81
CA GLY A 196 -15.35 -8.79 5.64
C GLY A 196 -16.70 -8.62 4.99
N TYR A 197 -17.73 -9.14 5.66
CA TYR A 197 -19.10 -9.09 5.17
C TYR A 197 -20.02 -8.52 6.24
N ASP A 198 -21.26 -8.23 5.87
CA ASP A 198 -22.24 -7.72 6.82
C ASP A 198 -23.12 -8.88 7.29
N GLY A 199 -22.68 -10.10 6.97
CA GLY A 199 -23.41 -11.29 7.34
C GLY A 199 -22.58 -12.51 6.99
N ASP A 200 -23.13 -13.70 7.18
CA ASP A 200 -22.43 -14.93 6.88
C ASP A 200 -23.12 -15.81 5.83
N THR A 201 -23.95 -15.20 5.00
CA THR A 201 -24.66 -15.95 3.95
C THR A 201 -24.10 -15.66 2.57
N TYR A 202 -24.50 -16.48 1.61
CA TYR A 202 -24.05 -16.34 0.23
C TYR A 202 -24.39 -14.97 -0.35
N LYS A 203 -25.45 -14.37 0.17
CA LYS A 203 -25.86 -13.08 -0.33
C LYS A 203 -25.43 -11.88 0.51
N SER A 204 -24.42 -12.08 1.35
CA SER A 204 -23.93 -10.99 2.19
C SER A 204 -22.99 -10.10 1.39
N ARG A 205 -23.00 -8.80 1.70
CA ARG A 205 -22.16 -7.83 1.01
C ARG A 205 -20.71 -7.93 1.47
N TYR A 206 -19.80 -7.65 0.56
CA TYR A 206 -18.36 -7.73 0.83
C TYR A 206 -17.67 -6.40 0.60
N GLY A 207 -16.66 -6.12 1.39
CA GLY A 207 -15.92 -4.90 1.21
C GLY A 207 -16.35 -3.68 1.99
N THR A 208 -15.67 -2.57 1.71
CA THR A 208 -15.92 -1.31 2.37
C THR A 208 -17.31 -0.74 2.31
N VAL A 209 -18.15 -1.28 1.45
CA VAL A 209 -19.51 -0.77 1.37
C VAL A 209 -20.22 -1.08 2.68
N VAL A 210 -19.79 -2.14 3.34
CA VAL A 210 -20.36 -2.58 4.60
C VAL A 210 -20.03 -1.64 5.74
N THR A 211 -18.84 -1.05 5.68
CA THR A 211 -18.37 -0.17 6.75
C THR A 211 -18.36 1.34 6.51
N ASN A 212 -18.21 1.75 5.25
CA ASN A 212 -18.10 3.17 4.93
C ASN A 212 -19.33 3.93 4.46
N ASP A 213 -20.30 4.16 5.33
CA ASP A 213 -21.49 4.93 4.94
C ASP A 213 -21.36 6.34 5.50
N MET A 214 -21.19 7.32 4.62
CA MET A 214 -21.05 8.71 5.04
C MET A 214 -22.28 9.56 4.79
N GLY A 215 -23.40 8.93 4.44
CA GLY A 215 -24.60 9.68 4.20
C GLY A 215 -24.81 10.17 2.77
N THR A 216 -25.70 11.14 2.62
CA THR A 216 -26.03 11.68 1.32
C THR A 216 -25.95 13.20 1.26
N LEU A 217 -25.52 13.71 0.12
CA LEU A 217 -25.44 15.15 -0.10
C LEU A 217 -26.59 15.46 -1.05
N CYS A 218 -27.54 16.28 -0.60
CA CYS A 218 -28.67 16.65 -1.42
C CYS A 218 -28.58 18.11 -1.86
N SER A 219 -28.50 18.32 -3.17
CA SER A 219 -28.39 19.65 -3.74
C SER A 219 -29.74 20.11 -4.28
N ARG A 220 -29.88 21.42 -4.38
CA ARG A 220 -31.12 22.02 -4.87
C ARG A 220 -30.88 23.47 -5.28
N ILE A 221 -31.54 23.86 -6.35
CA ILE A 221 -31.53 25.25 -6.77
C ILE A 221 -32.66 25.91 -6.01
N VAL A 222 -32.29 26.71 -5.03
CA VAL A 222 -33.28 27.37 -4.16
C VAL A 222 -34.21 28.28 -4.98
N THR A 223 -33.60 29.00 -5.91
CA THR A 223 -34.35 29.91 -6.80
C THR A 223 -35.48 29.14 -7.47
N SER A 224 -36.62 29.78 -7.61
CA SER A 224 -37.76 29.16 -8.27
C SER A 224 -37.54 29.16 -9.78
N GLU A 225 -38.45 28.53 -10.53
CA GLU A 225 -38.34 28.42 -11.97
C GLU A 225 -38.14 29.77 -12.66
N GLN A 226 -37.13 29.82 -13.52
CA GLN A 226 -36.79 31.02 -14.26
C GLN A 226 -37.04 30.78 -15.75
N LEU A 227 -37.25 31.86 -16.50
CA LEU A 227 -37.50 31.74 -17.93
C LEU A 227 -36.41 31.00 -18.68
N HIS A 228 -35.16 31.37 -18.40
CA HIS A 228 -34.02 30.78 -19.06
C HIS A 228 -33.45 29.58 -18.32
N LYS A 229 -33.28 28.50 -19.04
CA LYS A 229 -32.75 27.27 -18.46
C LYS A 229 -31.26 27.37 -18.24
N VAL A 230 -30.79 26.72 -17.18
CA VAL A 230 -29.37 26.72 -16.84
C VAL A 230 -28.95 25.30 -16.50
N LYS A 231 -27.64 25.08 -16.53
CA LYS A 231 -27.06 23.78 -16.19
C LYS A 231 -26.04 24.12 -15.11
N VAL A 232 -26.32 23.71 -13.88
CA VAL A 232 -25.43 23.99 -12.78
C VAL A 232 -24.58 22.77 -12.44
N VAL A 233 -23.28 22.89 -12.61
CA VAL A 233 -22.40 21.79 -12.27
C VAL A 233 -21.58 22.20 -11.06
N THR A 234 -21.73 21.43 -9.98
CA THR A 234 -21.02 21.70 -8.74
C THR A 234 -19.97 20.63 -8.49
N ARG A 235 -18.71 21.03 -8.53
CA ARG A 235 -17.62 20.10 -8.29
C ARG A 235 -17.21 20.14 -6.83
N ILE A 236 -17.22 18.98 -6.19
CA ILE A 236 -16.86 18.84 -4.78
C ILE A 236 -15.39 18.47 -4.67
N TYR A 237 -14.62 19.25 -3.91
CA TYR A 237 -13.19 19.01 -3.70
C TYR A 237 -12.97 18.61 -2.25
N HIS A 238 -12.13 17.61 -2.04
CA HIS A 238 -11.88 17.11 -0.70
C HIS A 238 -10.40 17.12 -0.35
N LYS A 239 -10.09 17.64 0.83
CA LYS A 239 -8.72 17.68 1.32
C LYS A 239 -8.68 17.06 2.71
N ALA A 240 -7.67 16.24 2.98
CA ALA A 240 -7.52 15.60 4.28
C ALA A 240 -6.64 16.47 5.19
N LYS A 241 -7.13 16.76 6.37
CA LYS A 241 -6.38 17.57 7.34
C LYS A 241 -6.19 16.75 8.59
N HIS A 242 -5.04 16.89 9.24
CA HIS A 242 -4.76 16.18 10.49
C HIS A 242 -4.82 14.68 10.26
N THR A 243 -4.15 14.23 9.20
CA THR A 243 -4.13 12.84 8.80
C THR A 243 -3.21 11.88 9.54
N LYS A 244 -3.63 10.62 9.61
CA LYS A 244 -2.86 9.52 10.20
C LYS A 244 -3.18 8.32 9.33
N ALA A 245 -2.18 7.52 9.00
CA ALA A 245 -2.41 6.36 8.15
C ALA A 245 -1.66 5.16 8.70
N TRP A 246 -2.22 3.97 8.51
CA TRP A 246 -1.63 2.73 8.99
C TRP A 246 -1.55 1.65 7.90
N CYS A 247 -0.57 0.78 8.03
CA CYS A 247 -0.35 -0.35 7.12
C CYS A 247 -0.34 -0.02 5.65
N PRO A 248 0.82 0.43 5.14
CA PRO A 248 0.93 0.79 3.73
C PRO A 248 0.76 -0.44 2.82
N ARG A 249 0.31 -0.19 1.59
CA ARG A 249 0.09 -1.28 0.64
C ARG A 249 0.44 -0.92 -0.79
N PRO A 250 0.59 -1.93 -1.67
CA PRO A 250 0.93 -1.69 -3.08
C PRO A 250 -0.06 -0.76 -3.77
N PRO A 251 0.42 0.07 -4.71
CA PRO A 251 -0.45 0.99 -5.44
C PRO A 251 -1.30 0.21 -6.44
N ARG A 252 -2.50 0.71 -6.73
CA ARG A 252 -3.42 0.09 -7.66
C ARG A 252 -2.73 0.03 -9.03
N ALA A 253 -2.47 -1.18 -9.52
CA ALA A 253 -1.79 -1.37 -10.81
C ALA A 253 -2.69 -1.28 -12.03
N VAL A 254 -3.95 -1.65 -11.87
CA VAL A 254 -4.92 -1.59 -12.97
C VAL A 254 -5.98 -0.52 -12.71
N GLN A 255 -6.82 -0.25 -13.70
CA GLN A 255 -7.86 0.75 -13.54
C GLN A 255 -8.93 0.30 -12.56
N TYR A 256 -9.59 1.27 -11.96
CA TYR A 256 -10.68 0.98 -11.03
C TYR A 256 -11.90 0.78 -11.91
N SER A 257 -12.80 -0.10 -11.52
CA SER A 257 -14.01 -0.30 -12.32
C SER A 257 -15.26 0.08 -11.52
N HIS A 258 -15.25 -0.21 -10.23
CA HIS A 258 -16.40 0.13 -9.39
C HIS A 258 -16.02 0.67 -8.03
N THR A 259 -17.00 1.29 -7.37
CA THR A 259 -16.75 1.83 -6.06
C THR A 259 -16.79 0.71 -5.02
N HIS A 260 -16.10 0.95 -3.91
CA HIS A 260 -16.04 0.02 -2.79
C HIS A 260 -15.56 -1.39 -3.09
N THR A 261 -14.92 -1.60 -4.23
CA THR A 261 -14.44 -2.93 -4.56
C THR A 261 -13.13 -2.89 -5.33
N THR A 262 -12.32 -3.93 -5.15
CA THR A 262 -11.04 -4.03 -5.83
C THR A 262 -11.17 -4.68 -7.20
N ASN A 263 -12.39 -5.01 -7.59
CA ASN A 263 -12.68 -5.66 -8.88
C ASN A 263 -11.99 -4.94 -10.03
N TYR A 264 -11.62 -5.70 -11.04
CA TYR A 264 -10.97 -5.14 -12.21
C TYR A 264 -11.28 -5.98 -13.43
N LYS A 265 -10.85 -5.49 -14.59
CA LYS A 265 -11.09 -6.21 -15.82
C LYS A 265 -9.78 -6.30 -16.58
N LEU A 266 -9.55 -7.45 -17.21
CA LEU A 266 -8.35 -7.69 -17.99
C LEU A 266 -8.69 -7.97 -19.43
N SER A 267 -7.85 -7.49 -20.34
CA SER A 267 -8.06 -7.73 -21.75
C SER A 267 -7.29 -8.99 -22.14
N SER A 268 -7.39 -9.39 -23.40
CA SER A 268 -6.67 -10.55 -23.90
C SER A 268 -5.17 -10.27 -23.85
N GLU A 269 -4.80 -9.01 -24.03
CA GLU A 269 -3.40 -8.60 -23.99
C GLU A 269 -3.14 -7.80 -22.73
N VAL A 270 -2.92 -8.51 -21.63
CA VAL A 270 -2.70 -7.90 -20.32
C VAL A 270 -1.64 -6.81 -20.20
N HIS A 271 -0.65 -6.79 -21.08
CA HIS A 271 0.38 -5.75 -20.99
C HIS A 271 -0.24 -4.36 -21.22
N ASN A 272 -1.41 -4.32 -21.85
CA ASN A 272 -2.09 -3.06 -22.11
C ASN A 272 -2.85 -2.61 -20.86
N ASP A 273 -3.08 -3.55 -19.95
CA ASP A 273 -3.82 -3.27 -18.73
C ASP A 273 -2.99 -2.68 -17.59
N VAL A 274 -1.69 -2.91 -17.62
CA VAL A 274 -0.79 -2.40 -16.59
C VAL A 274 0.17 -1.37 -17.19
N ALA A 275 0.79 -0.57 -16.32
CA ALA A 275 1.72 0.47 -16.76
C ALA A 275 3.09 -0.04 -17.19
N ILE A 276 3.30 -1.34 -17.08
CA ILE A 276 4.57 -1.94 -17.46
C ILE A 276 4.77 -1.89 -18.96
N ARG A 277 5.85 -1.26 -19.41
CA ARG A 277 6.15 -1.20 -20.83
C ARG A 277 7.01 -2.41 -21.17
N PRO A 278 6.55 -3.26 -22.11
CA PRO A 278 7.27 -4.47 -22.52
C PRO A 278 8.72 -4.21 -22.95
N ARG A 279 9.64 -5.03 -22.47
CA ARG A 279 11.05 -4.91 -22.83
C ARG A 279 11.34 -5.75 -24.06
N THR A 280 12.31 -5.33 -24.87
CA THR A 280 12.68 -6.10 -26.04
C THR A 280 13.37 -7.36 -25.53
N ASN A 281 14.21 -7.18 -24.51
CA ASN A 281 14.94 -8.26 -23.89
C ASN A 281 15.65 -7.70 -22.65
N LEU A 282 16.27 -8.58 -21.88
CA LEU A 282 16.97 -8.19 -20.66
C LEU A 282 18.11 -7.19 -20.79
N THR A 283 18.76 -7.16 -21.93
CA THR A 283 19.89 -6.26 -22.09
C THR A 283 19.62 -4.95 -22.81
N THR A 284 18.38 -4.78 -23.29
CA THR A 284 18.00 -3.57 -23.98
C THR A 284 17.50 -2.56 -22.94
N VAL A 285 18.30 -1.52 -22.68
CA VAL A 285 17.95 -0.50 -21.71
C VAL A 285 16.85 0.45 -22.20
N SER B 10 22.96 -21.26 17.81
CA SER B 10 23.07 -20.98 16.35
C SER B 10 21.88 -20.14 15.90
N ASP B 11 22.14 -19.24 14.96
CA ASP B 11 21.14 -18.35 14.41
C ASP B 11 20.26 -19.05 13.36
N ARG B 12 20.63 -20.29 13.01
CA ARG B 12 19.90 -21.09 12.04
C ARG B 12 18.79 -21.90 12.71
N ILE B 13 18.95 -22.16 14.01
CA ILE B 13 17.98 -22.94 14.77
C ILE B 13 16.91 -22.08 15.44
N ILE B 14 15.75 -22.68 15.69
CA ILE B 14 14.64 -22.01 16.37
C ILE B 14 13.72 -23.04 17.03
N GLN B 15 13.14 -22.65 18.15
CA GLN B 15 12.20 -23.51 18.86
C GLN B 15 11.08 -22.58 19.30
N ILE B 16 9.86 -22.92 18.94
CA ILE B 16 8.71 -22.10 19.31
C ILE B 16 7.77 -22.96 20.14
N THR B 17 7.56 -22.58 21.39
CA THR B 17 6.66 -23.31 22.26
C THR B 17 5.43 -22.48 22.53
N ARG B 18 4.27 -23.05 22.26
CA ARG B 18 2.99 -22.38 22.47
C ARG B 18 2.07 -23.43 23.09
N GLY B 19 1.66 -23.23 24.33
CA GLY B 19 0.79 -24.18 24.98
C GLY B 19 1.44 -25.55 25.13
N ASP B 20 0.83 -26.56 24.52
CA ASP B 20 1.37 -27.92 24.59
C ASP B 20 2.13 -28.30 23.32
N SER B 21 2.38 -27.31 22.46
CA SER B 21 3.08 -27.60 21.23
C SER B 21 4.41 -26.92 21.13
N THR B 22 5.38 -27.64 20.59
CA THR B 22 6.71 -27.11 20.38
C THR B 22 7.11 -27.45 18.95
N ILE B 23 7.51 -26.43 18.21
CA ILE B 23 7.92 -26.59 16.83
C ILE B 23 9.40 -26.25 16.69
N THR B 24 10.12 -27.01 15.87
CA THR B 24 11.53 -26.71 15.67
C THR B 24 11.88 -26.59 14.20
N SER B 25 13.04 -26.02 13.93
CA SER B 25 13.56 -25.88 12.58
C SER B 25 15.04 -25.60 12.75
N GLN B 26 15.84 -26.34 12.00
CA GLN B 26 17.28 -26.19 12.09
C GLN B 26 17.86 -25.29 11.01
N ASP B 27 17.00 -24.82 10.11
CA ASP B 27 17.40 -23.94 9.01
C ASP B 27 16.41 -22.82 8.83
N VAL B 28 16.50 -21.80 9.68
CA VAL B 28 15.59 -20.68 9.59
C VAL B 28 16.30 -19.45 9.06
N ALA B 29 15.50 -18.45 8.66
CA ALA B 29 16.01 -17.18 8.17
C ALA B 29 15.46 -16.10 9.10
N ASN B 30 15.74 -16.26 10.39
CA ASN B 30 15.28 -15.33 11.41
C ASN B 30 13.75 -15.45 11.49
N ALA B 31 13.09 -14.45 12.07
CA ALA B 31 11.65 -14.44 12.18
C ALA B 31 11.23 -13.01 11.94
N VAL B 32 9.97 -12.79 11.65
CA VAL B 32 9.48 -11.45 11.40
C VAL B 32 8.31 -11.14 12.30
N VAL B 33 8.38 -10.02 13.02
CA VAL B 33 7.29 -9.60 13.88
C VAL B 33 6.55 -8.50 13.12
N GLY B 34 5.37 -8.83 12.61
CA GLY B 34 4.58 -7.90 11.85
C GLY B 34 4.46 -6.51 12.45
N TYR B 35 4.91 -5.52 11.68
CA TYR B 35 4.85 -4.12 12.08
C TYR B 35 5.55 -3.82 13.41
N GLY B 36 6.45 -4.72 13.80
CA GLY B 36 7.21 -4.55 15.03
C GLY B 36 6.43 -4.61 16.32
N VAL B 37 5.16 -5.02 16.25
CA VAL B 37 4.33 -5.09 17.44
C VAL B 37 4.04 -6.54 17.81
N TRP B 38 4.40 -6.90 19.03
CA TRP B 38 4.14 -8.27 19.50
C TRP B 38 2.69 -8.31 19.98
N PRO B 39 1.97 -9.40 19.69
CA PRO B 39 0.57 -9.51 20.12
C PRO B 39 0.39 -9.34 21.62
N HIS B 40 -0.72 -8.70 22.00
CA HIS B 40 -1.02 -8.43 23.40
C HIS B 40 -2.52 -8.30 23.59
N TYR B 41 -2.98 -8.52 24.82
CA TYR B 41 -4.39 -8.41 25.17
C TYR B 41 -4.87 -6.97 25.10
N LEU B 42 -6.17 -6.81 24.93
CA LEU B 42 -6.80 -5.49 24.81
C LEU B 42 -6.81 -4.74 26.14
N THR B 43 -6.38 -3.48 26.09
CA THR B 43 -6.32 -2.64 27.28
C THR B 43 -7.64 -1.92 27.53
N PRO B 44 -7.92 -1.54 28.78
CA PRO B 44 -9.17 -0.84 29.09
C PRO B 44 -9.30 0.51 28.39
N GLN B 45 -8.18 1.03 27.90
CA GLN B 45 -8.21 2.30 27.21
C GLN B 45 -8.82 2.16 25.83
N ASP B 46 -8.43 1.11 25.11
CA ASP B 46 -8.92 0.87 23.76
C ASP B 46 -10.19 0.03 23.67
N ALA B 47 -10.58 -0.60 24.79
CA ALA B 47 -11.77 -1.45 24.82
C ALA B 47 -13.09 -0.70 24.61
N THR B 48 -14.09 -1.43 24.13
CA THR B 48 -15.41 -0.87 23.89
C THR B 48 -16.49 -1.78 24.50
N ALA B 49 -16.44 -3.08 24.18
CA ALA B 49 -17.40 -4.03 24.72
C ALA B 49 -17.17 -4.07 26.23
N ILE B 50 -18.23 -3.92 27.01
CA ILE B 50 -18.11 -3.88 28.45
C ILE B 50 -18.08 -5.16 29.27
N ASP B 51 -18.31 -6.30 28.64
CA ASP B 51 -18.28 -7.55 29.40
C ASP B 51 -16.89 -8.11 29.56
N LYS B 52 -16.69 -8.85 30.65
CA LYS B 52 -15.41 -9.45 30.95
C LYS B 52 -15.05 -10.49 29.86
N PRO B 53 -13.89 -10.34 29.22
CA PRO B 53 -13.42 -11.25 28.15
C PRO B 53 -12.98 -12.60 28.68
N THR B 54 -13.24 -13.65 27.92
CA THR B 54 -12.79 -14.99 28.29
C THR B 54 -11.46 -15.15 27.56
N GLN B 55 -10.47 -15.72 28.25
CA GLN B 55 -9.14 -15.93 27.71
C GLN B 55 -8.73 -17.37 27.98
N PRO B 56 -8.99 -18.28 27.03
CA PRO B 56 -8.69 -19.72 27.13
C PRO B 56 -7.21 -20.10 27.39
N ASP B 57 -6.29 -19.21 27.06
CA ASP B 57 -4.87 -19.43 27.28
C ASP B 57 -4.27 -20.64 26.54
N THR B 58 -3.61 -21.53 27.25
CA THR B 58 -2.98 -22.66 26.59
C THR B 58 -3.84 -23.58 25.73
N SER B 59 -5.13 -23.66 26.02
CA SER B 59 -6.03 -24.50 25.24
C SER B 59 -6.42 -23.90 23.91
N SER B 60 -6.13 -22.61 23.77
CA SER B 60 -6.46 -21.85 22.58
C SER B 60 -5.19 -21.43 21.84
N ASN B 61 -4.24 -20.90 22.60
CA ASN B 61 -2.99 -20.40 22.07
C ASN B 61 -1.96 -21.52 21.93
N ARG B 62 -2.17 -22.37 20.93
CA ARG B 62 -1.30 -23.51 20.65
C ARG B 62 -1.23 -23.67 19.14
N PHE B 63 -0.24 -24.41 18.65
CA PHE B 63 -0.08 -24.62 17.22
C PHE B 63 -1.09 -25.60 16.62
N TYR B 64 -1.76 -25.18 15.55
CA TYR B 64 -2.72 -26.02 14.85
C TYR B 64 -2.13 -26.22 13.46
N THR B 65 -1.91 -27.47 13.08
CA THR B 65 -1.34 -27.76 11.76
C THR B 65 -2.44 -27.99 10.73
N LEU B 66 -2.43 -27.18 9.67
CA LEU B 66 -3.40 -27.26 8.59
C LEU B 66 -3.07 -28.38 7.61
N ASP B 67 -3.95 -28.59 6.63
CA ASP B 67 -3.72 -29.63 5.63
C ASP B 67 -2.52 -29.29 4.78
N SER B 68 -1.64 -30.27 4.58
CA SER B 68 -0.44 -30.06 3.78
C SER B 68 -0.79 -29.91 2.29
N LYS B 69 0.02 -29.14 1.58
CA LYS B 69 -0.17 -28.94 0.14
C LYS B 69 1.03 -29.51 -0.60
N MET B 70 0.86 -29.81 -1.87
CA MET B 70 1.96 -30.35 -2.65
C MET B 70 2.50 -29.27 -3.51
N TRP B 71 3.82 -29.10 -3.45
CA TRP B 71 4.45 -28.08 -4.26
C TRP B 71 5.09 -28.77 -5.46
N ASN B 72 4.65 -28.41 -6.65
CA ASN B 72 5.25 -28.94 -7.88
C ASN B 72 5.41 -27.85 -8.91
N SER B 73 6.17 -28.15 -9.97
CA SER B 73 6.51 -27.24 -11.06
C SER B 73 5.43 -26.33 -11.59
N THR B 74 4.17 -26.76 -11.53
CA THR B 74 3.10 -25.94 -12.06
C THR B 74 2.27 -25.19 -11.02
N SER B 75 2.68 -25.23 -9.77
CA SER B 75 1.94 -24.56 -8.71
C SER B 75 1.94 -23.05 -8.90
N LYS B 76 0.77 -22.44 -8.73
CA LYS B 76 0.62 -21.00 -8.88
C LYS B 76 0.56 -20.26 -7.55
N GLY B 77 0.24 -20.98 -6.49
CA GLY B 77 0.16 -20.35 -5.18
C GLY B 77 -0.97 -20.88 -4.33
N TRP B 78 -1.01 -20.45 -3.08
CA TRP B 78 -2.04 -20.87 -2.13
C TRP B 78 -2.30 -19.72 -1.19
N TRP B 79 -3.51 -19.65 -0.63
CA TRP B 79 -3.81 -18.62 0.36
C TRP B 79 -4.81 -19.12 1.38
N TRP B 80 -4.68 -18.61 2.60
CA TRP B 80 -5.58 -18.98 3.70
C TRP B 80 -5.95 -17.66 4.34
N LYS B 81 -7.13 -17.62 4.96
CA LYS B 81 -7.55 -16.40 5.63
C LYS B 81 -7.74 -16.68 7.12
N LEU B 82 -7.26 -15.77 7.96
CA LEU B 82 -7.40 -15.93 9.41
C LEU B 82 -8.46 -14.93 9.90
N PRO B 83 -9.27 -15.33 10.90
CA PRO B 83 -9.26 -16.60 11.62
C PRO B 83 -9.96 -17.78 10.94
N ASP B 84 -10.52 -17.56 9.75
CA ASP B 84 -11.24 -18.60 9.02
C ASP B 84 -10.56 -19.98 8.98
N ALA B 85 -9.26 -20.00 8.71
CA ALA B 85 -8.52 -21.25 8.62
C ALA B 85 -8.53 -22.09 9.90
N LEU B 86 -8.78 -21.45 11.03
CA LEU B 86 -8.78 -22.14 12.31
C LEU B 86 -10.17 -22.37 12.91
N LYS B 87 -11.22 -22.11 12.13
CA LYS B 87 -12.60 -22.26 12.61
C LYS B 87 -12.98 -23.63 13.13
N ASP B 88 -12.22 -24.65 12.73
CA ASP B 88 -12.47 -26.01 13.15
C ASP B 88 -11.34 -26.55 13.98
N MET B 89 -10.54 -25.66 14.54
CA MET B 89 -9.41 -26.08 15.34
C MET B 89 -9.66 -26.00 16.84
N GLY B 90 -9.96 -27.14 17.42
CA GLY B 90 -10.18 -27.27 18.86
C GLY B 90 -10.92 -26.16 19.58
N ILE B 91 -10.42 -25.82 20.76
CA ILE B 91 -11.03 -24.79 21.60
C ILE B 91 -11.09 -23.41 20.96
N PHE B 92 -10.11 -23.07 20.14
CA PHE B 92 -10.11 -21.77 19.48
C PHE B 92 -11.32 -21.68 18.56
N GLY B 93 -11.54 -22.73 17.80
CA GLY B 93 -12.67 -22.77 16.88
C GLY B 93 -13.99 -22.64 17.61
N GLU B 94 -14.16 -23.43 18.67
CA GLU B 94 -15.40 -23.38 19.45
C GLU B 94 -15.68 -21.96 19.93
N ASN B 95 -14.66 -21.34 20.50
CA ASN B 95 -14.79 -20.00 21.03
C ASN B 95 -15.19 -18.95 20.01
N MET B 96 -14.69 -19.06 18.79
CA MET B 96 -15.04 -18.07 17.80
C MET B 96 -16.48 -18.15 17.33
N PHE B 97 -17.15 -19.26 17.59
CA PHE B 97 -18.54 -19.42 17.18
C PHE B 97 -19.53 -19.17 18.30
N TYR B 98 -19.10 -19.42 19.53
CA TYR B 98 -19.94 -19.20 20.70
C TYR B 98 -19.98 -17.73 21.11
N HIS B 99 -19.01 -16.95 20.63
CA HIS B 99 -18.92 -15.54 20.96
C HIS B 99 -19.10 -14.64 19.75
N PHE B 100 -19.73 -13.49 19.97
CA PHE B 100 -19.94 -12.54 18.90
C PHE B 100 -18.60 -11.91 18.54
N LEU B 101 -17.87 -11.47 19.57
CA LEU B 101 -16.58 -10.82 19.40
C LEU B 101 -15.38 -11.71 19.74
N GLY B 102 -14.26 -11.45 19.04
CA GLY B 102 -13.04 -12.19 19.26
C GLY B 102 -11.86 -11.31 18.89
N ARG B 103 -10.67 -11.66 19.38
CA ARG B 103 -9.45 -10.89 19.12
C ARG B 103 -8.28 -11.86 19.29
N SER B 104 -7.28 -11.76 18.41
CA SER B 104 -6.14 -12.67 18.48
C SER B 104 -4.98 -12.22 17.60
N GLY B 105 -3.82 -12.72 17.99
CA GLY B 105 -2.56 -12.54 17.25
C GLY B 105 -2.17 -13.93 16.79
N TYR B 106 -1.17 -14.04 15.95
CA TYR B 106 -0.78 -15.37 15.49
C TYR B 106 0.71 -15.52 15.24
N THR B 107 1.13 -16.74 15.37
CA THR B 107 2.49 -17.16 15.02
C THR B 107 2.30 -18.10 13.85
N VAL B 108 2.75 -17.69 12.69
CA VAL B 108 2.62 -18.52 11.50
C VAL B 108 3.96 -19.15 11.18
N HIS B 109 3.95 -20.46 11.07
CA HIS B 109 5.16 -21.22 10.78
C HIS B 109 4.94 -22.10 9.56
N VAL B 110 5.50 -21.65 8.44
CA VAL B 110 5.42 -22.40 7.18
C VAL B 110 6.62 -23.31 7.06
N GLN B 111 6.37 -24.58 6.75
CA GLN B 111 7.41 -25.58 6.65
C GLN B 111 7.52 -26.16 5.26
N CYS B 112 8.75 -26.29 4.79
CA CYS B 112 9.02 -26.87 3.48
C CYS B 112 10.48 -27.27 3.33
N ASN B 113 10.75 -28.57 3.42
CA ASN B 113 12.12 -29.06 3.28
C ASN B 113 12.25 -29.83 1.96
N ALA B 114 13.42 -29.73 1.33
CA ALA B 114 13.70 -30.40 0.07
C ALA B 114 15.08 -31.04 0.19
N SER B 115 16.08 -30.51 -0.53
CA SER B 115 17.45 -31.04 -0.43
C SER B 115 18.40 -30.01 -1.03
N LYS B 116 19.69 -30.26 -0.86
CA LYS B 116 20.70 -29.36 -1.38
C LYS B 116 20.86 -29.45 -2.89
N PHE B 117 20.03 -30.28 -3.52
CA PHE B 117 20.05 -30.43 -4.97
C PHE B 117 18.71 -30.00 -5.56
N HIS B 118 17.92 -29.33 -4.74
CA HIS B 118 16.62 -28.81 -5.14
C HIS B 118 16.75 -27.30 -5.12
N GLN B 119 15.90 -26.61 -5.87
CA GLN B 119 15.91 -25.16 -5.90
C GLN B 119 14.47 -24.72 -6.06
N GLY B 120 14.15 -23.58 -5.47
CA GLY B 120 12.80 -23.06 -5.55
C GLY B 120 12.68 -21.96 -4.52
N THR B 121 11.72 -21.06 -4.70
CA THR B 121 11.56 -19.96 -3.76
C THR B 121 10.09 -19.64 -3.57
N LEU B 122 9.67 -19.66 -2.31
CA LEU B 122 8.30 -19.34 -1.94
C LEU B 122 8.29 -17.96 -1.30
N LEU B 123 7.32 -17.13 -1.67
CA LEU B 123 7.19 -15.81 -1.06
C LEU B 123 6.04 -15.98 -0.07
N VAL B 124 6.35 -15.88 1.22
CA VAL B 124 5.33 -16.02 2.27
C VAL B 124 4.98 -14.64 2.79
N VAL B 125 3.72 -14.24 2.61
CA VAL B 125 3.28 -12.91 3.03
C VAL B 125 2.03 -12.96 3.91
N MET B 126 1.95 -12.03 4.86
CA MET B 126 0.81 -11.88 5.75
C MET B 126 0.20 -10.53 5.39
N ILE B 127 -0.97 -10.55 4.74
CA ILE B 127 -1.64 -9.33 4.31
C ILE B 127 -2.82 -8.95 5.19
N PRO B 128 -2.88 -7.69 5.67
CA PRO B 128 -3.99 -7.23 6.50
C PRO B 128 -5.07 -6.70 5.56
N GLU B 129 -6.31 -7.04 5.83
CA GLU B 129 -7.46 -6.62 5.02
C GLU B 129 -7.25 -6.89 3.54
N HIS B 130 -6.94 -8.12 3.20
CA HIS B 130 -6.72 -8.50 1.81
C HIS B 130 -8.08 -8.70 1.13
N GLN B 131 -8.72 -7.60 0.77
CA GLN B 131 -10.03 -7.62 0.10
C GLN B 131 -9.86 -8.08 -1.34
N LEU B 132 -10.27 -9.32 -1.61
CA LEU B 132 -10.15 -9.92 -2.93
C LEU B 132 -11.05 -9.29 -3.98
N ALA B 133 -10.63 -9.44 -5.23
CA ALA B 133 -11.35 -8.89 -6.36
C ALA B 133 -11.87 -9.98 -7.28
N THR B 134 -12.81 -9.60 -8.14
CA THR B 134 -13.33 -10.51 -9.16
C THR B 134 -12.86 -9.88 -10.46
N VAL B 135 -12.67 -10.71 -11.49
CA VAL B 135 -12.21 -10.21 -12.76
C VAL B 135 -13.29 -10.31 -13.82
N ASN B 136 -13.51 -9.22 -14.53
CA ASN B 136 -14.50 -9.14 -15.61
C ASN B 136 -15.90 -9.57 -15.20
N LYS B 137 -16.26 -9.35 -13.93
CA LYS B 137 -17.59 -9.74 -13.46
C LYS B 137 -18.40 -8.55 -12.93
N GLY B 138 -18.07 -7.38 -13.45
CA GLY B 138 -18.77 -6.18 -13.04
C GLY B 138 -18.58 -5.86 -11.57
N ASN B 139 -19.67 -5.49 -10.90
CA ASN B 139 -19.59 -5.16 -9.50
C ASN B 139 -19.98 -6.33 -8.60
N VAL B 140 -19.91 -7.54 -9.13
CA VAL B 140 -20.20 -8.73 -8.34
C VAL B 140 -18.94 -9.01 -7.55
N ASN B 141 -19.05 -9.06 -6.23
CA ASN B 141 -17.90 -9.32 -5.36
C ASN B 141 -17.76 -10.77 -4.95
N ALA B 142 -16.57 -11.12 -4.46
CA ALA B 142 -16.26 -12.47 -4.03
C ALA B 142 -17.27 -12.96 -3.01
N GLY B 143 -17.83 -14.14 -3.25
CA GLY B 143 -18.81 -14.70 -2.34
C GLY B 143 -18.22 -15.17 -1.03
N TYR B 144 -19.01 -15.02 0.04
CA TYR B 144 -18.62 -15.43 1.38
C TYR B 144 -17.98 -16.82 1.41
N LYS B 145 -18.61 -17.76 0.72
CA LYS B 145 -18.12 -19.14 0.65
C LYS B 145 -16.69 -19.25 0.13
N TYR B 146 -16.38 -18.49 -0.91
CA TYR B 146 -15.07 -18.53 -1.53
C TYR B 146 -13.98 -17.88 -0.70
N THR B 147 -14.33 -16.94 0.15
CA THR B 147 -13.35 -16.29 0.99
C THR B 147 -13.33 -16.94 2.37
N HIS B 148 -13.99 -18.09 2.49
CA HIS B 148 -14.01 -18.80 3.76
C HIS B 148 -13.79 -20.28 3.53
N PRO B 149 -12.66 -20.64 2.87
CA PRO B 149 -12.34 -22.04 2.58
C PRO B 149 -11.91 -22.90 3.76
N GLY B 150 -11.73 -22.31 4.93
CA GLY B 150 -11.31 -23.09 6.07
C GLY B 150 -9.87 -23.54 5.95
N GLU B 151 -9.52 -24.59 6.70
CA GLU B 151 -8.15 -25.11 6.73
C GLU B 151 -7.59 -25.57 5.38
N ALA B 152 -8.48 -25.81 4.43
CA ALA B 152 -8.07 -26.26 3.11
C ALA B 152 -7.47 -25.14 2.26
N GLY B 153 -7.82 -23.89 2.59
CA GLY B 153 -7.28 -22.77 1.84
C GLY B 153 -7.69 -22.82 0.38
N ARG B 154 -6.99 -22.06 -0.46
CA ARG B 154 -7.30 -22.03 -1.88
C ARG B 154 -6.07 -22.33 -2.71
N GLU B 155 -6.19 -23.29 -3.63
CA GLU B 155 -5.09 -23.60 -4.53
C GLU B 155 -5.33 -22.77 -5.77
N VAL B 156 -4.45 -21.82 -6.01
CA VAL B 156 -4.61 -20.94 -7.15
C VAL B 156 -4.50 -21.71 -8.48
N GLY B 157 -5.53 -21.48 -9.29
CA GLY B 157 -5.66 -22.01 -10.66
C GLY B 157 -6.09 -23.49 -10.69
N THR B 158 -7.21 -23.80 -10.04
CA THR B 158 -7.71 -25.19 -10.00
C THR B 158 -9.25 -25.26 -10.07
N GLN B 159 -9.90 -24.17 -9.71
CA GLN B 159 -11.37 -24.13 -9.63
C GLN B 159 -12.04 -23.73 -10.95
N VAL B 160 -13.13 -24.44 -11.21
CA VAL B 160 -14.01 -24.24 -12.36
C VAL B 160 -15.03 -23.17 -11.99
N GLU B 161 -14.52 -21.97 -12.13
CA GLU B 161 -15.20 -20.69 -11.81
C GLU B 161 -16.73 -20.76 -11.71
N ASN B 162 -17.14 -20.05 -10.67
CA ASN B 162 -18.53 -19.74 -10.32
C ASN B 162 -18.58 -18.22 -10.41
N GLU B 163 -19.75 -17.65 -10.59
CA GLU B 163 -19.83 -16.20 -10.76
C GLU B 163 -19.12 -15.43 -9.62
N LYS B 164 -19.35 -15.88 -8.40
CA LYS B 164 -18.80 -15.21 -7.19
C LYS B 164 -17.37 -15.68 -6.85
N GLN B 165 -16.73 -16.30 -7.83
CA GLN B 165 -15.36 -16.83 -7.67
C GLN B 165 -14.33 -15.68 -7.69
N PRO B 166 -13.52 -15.53 -6.63
CA PRO B 166 -12.49 -14.48 -6.58
C PRO B 166 -11.44 -14.65 -7.69
N SER B 167 -10.54 -13.67 -7.76
CA SER B 167 -9.44 -13.63 -8.77
C SER B 167 -8.36 -14.65 -8.42
N ASP B 168 -7.77 -15.21 -9.46
CA ASP B 168 -6.70 -16.21 -9.30
C ASP B 168 -5.39 -15.68 -9.88
N ASP B 169 -5.38 -14.38 -10.16
CA ASP B 169 -4.20 -13.73 -10.72
C ASP B 169 -3.17 -13.43 -9.66
N ASN B 170 -2.24 -14.37 -9.49
CA ASN B 170 -1.18 -14.22 -8.50
C ASN B 170 -0.30 -12.99 -8.79
N TRP B 171 -0.03 -12.71 -10.05
CA TRP B 171 0.81 -11.55 -10.40
C TRP B 171 0.12 -10.23 -10.09
N LEU B 172 -1.19 -10.27 -9.89
CA LEU B 172 -1.98 -9.08 -9.55
C LEU B 172 -2.54 -9.15 -8.13
N ASN B 173 -1.89 -9.98 -7.30
CA ASN B 173 -2.25 -10.19 -5.90
C ASN B 173 -3.71 -10.47 -5.61
N PHE B 174 -4.43 -10.95 -6.62
CA PHE B 174 -5.85 -11.26 -6.52
C PHE B 174 -6.67 -10.02 -6.16
N ASP B 175 -6.08 -8.83 -6.29
CA ASP B 175 -6.80 -7.60 -5.97
C ASP B 175 -6.45 -6.37 -6.82
N GLY B 176 -5.67 -6.56 -7.88
CA GLY B 176 -5.35 -5.45 -8.74
C GLY B 176 -4.07 -4.68 -8.44
N THR B 177 -3.16 -5.28 -7.70
CA THR B 177 -1.88 -4.65 -7.37
C THR B 177 -0.76 -5.62 -7.79
N LEU B 178 0.40 -5.09 -8.16
CA LEU B 178 1.50 -5.95 -8.60
C LEU B 178 2.21 -6.77 -7.53
N LEU B 179 2.41 -8.04 -7.83
CA LEU B 179 3.06 -9.00 -6.95
C LEU B 179 4.36 -8.50 -6.32
N GLY B 180 5.23 -7.91 -7.14
CA GLY B 180 6.50 -7.42 -6.65
C GLY B 180 6.44 -6.48 -5.46
N ASN B 181 5.29 -5.83 -5.28
CA ASN B 181 5.12 -4.90 -4.17
C ASN B 181 4.53 -5.49 -2.90
N LEU B 182 4.34 -6.81 -2.89
CA LEU B 182 3.81 -7.48 -1.70
C LEU B 182 4.80 -7.39 -0.55
N LEU B 183 6.06 -7.13 -0.87
CA LEU B 183 7.11 -7.04 0.14
C LEU B 183 6.93 -5.90 1.14
N ILE B 184 5.91 -5.07 0.90
CA ILE B 184 5.63 -3.96 1.80
C ILE B 184 4.89 -4.50 3.03
N PHE B 185 4.32 -5.70 2.91
CA PHE B 185 3.62 -6.34 4.02
C PHE B 185 4.58 -7.28 4.73
N PRO B 186 4.25 -7.71 5.97
CA PRO B 186 5.14 -8.62 6.71
C PRO B 186 5.33 -9.87 5.84
N HIS B 187 6.58 -10.26 5.60
CA HIS B 187 6.83 -11.42 4.76
C HIS B 187 8.20 -12.03 5.00
N GLN B 188 8.42 -13.18 4.37
CA GLN B 188 9.69 -13.91 4.41
C GLN B 188 9.73 -14.75 3.15
N PHE B 189 10.91 -15.26 2.82
CA PHE B 189 11.05 -16.09 1.63
C PHE B 189 11.55 -17.44 2.09
N ILE B 190 11.09 -18.50 1.43
CA ILE B 190 11.61 -19.81 1.74
C ILE B 190 12.40 -20.16 0.50
N ASN B 191 13.69 -19.88 0.54
CA ASN B 191 14.57 -20.15 -0.56
C ASN B 191 15.24 -21.48 -0.21
N LEU B 192 14.86 -22.55 -0.91
CA LEU B 192 15.38 -23.89 -0.63
C LEU B 192 16.87 -24.06 -0.42
N ARG B 193 17.67 -23.14 -0.94
CA ARG B 193 19.11 -23.25 -0.76
C ARG B 193 19.55 -22.73 0.61
N SER B 194 18.67 -22.00 1.30
CA SER B 194 19.02 -21.43 2.60
C SER B 194 18.13 -21.75 3.80
N ASN B 195 16.82 -21.76 3.63
CA ASN B 195 15.96 -22.05 4.77
C ASN B 195 14.88 -23.07 4.46
N ASN B 196 14.43 -23.78 5.47
CA ASN B 196 13.39 -24.78 5.27
C ASN B 196 12.09 -24.38 5.94
N SER B 197 12.03 -23.16 6.44
CA SER B 197 10.82 -22.67 7.08
C SER B 197 10.81 -21.14 7.17
N ALA B 198 9.65 -20.61 7.48
CA ALA B 198 9.45 -19.16 7.63
C ALA B 198 8.60 -18.97 8.88
N THR B 199 8.97 -17.99 9.69
CA THR B 199 8.22 -17.71 10.89
C THR B 199 7.80 -16.24 10.95
N LEU B 200 6.50 -16.01 11.10
CA LEU B 200 5.96 -14.67 11.16
C LEU B 200 5.06 -14.53 12.38
N ILE B 201 5.36 -13.58 13.26
CA ILE B 201 4.54 -13.33 14.44
C ILE B 201 3.79 -12.02 14.14
N VAL B 202 2.47 -12.08 14.00
CA VAL B 202 1.69 -10.87 13.71
C VAL B 202 0.74 -10.49 14.85
N PRO B 203 0.60 -9.18 15.13
CA PRO B 203 -0.28 -8.68 16.18
C PRO B 203 -1.68 -8.49 15.62
N TYR B 204 -2.62 -8.10 16.47
CA TYR B 204 -3.98 -7.88 16.02
C TYR B 204 -4.02 -6.50 15.34
N VAL B 205 -4.45 -6.47 14.09
CA VAL B 205 -4.53 -5.22 13.34
C VAL B 205 -5.98 -5.04 12.92
N ASN B 206 -6.58 -3.91 13.29
CA ASN B 206 -7.97 -3.62 12.95
C ASN B 206 -8.31 -2.18 13.38
N ALA B 207 -9.38 -1.63 12.82
CA ALA B 207 -9.82 -0.28 13.17
C ALA B 207 -10.73 -0.30 14.40
N VAL B 208 -11.07 -1.50 14.85
CA VAL B 208 -11.90 -1.69 16.04
C VAL B 208 -11.13 -2.64 16.98
N PRO B 209 -11.30 -2.48 18.30
CA PRO B 209 -10.62 -3.30 19.33
C PRO B 209 -10.85 -4.81 19.27
N MET B 210 -12.05 -5.21 18.88
CA MET B 210 -12.43 -6.63 18.73
C MET B 210 -13.40 -6.65 17.58
N ASP B 211 -13.62 -7.82 16.99
CA ASP B 211 -14.52 -7.92 15.85
C ASP B 211 -15.12 -9.31 15.77
N SER B 212 -16.04 -9.47 14.83
CA SER B 212 -16.67 -10.76 14.60
C SER B 212 -15.70 -11.60 13.79
N MET B 213 -15.35 -12.77 14.32
CA MET B 213 -14.42 -13.63 13.62
C MET B 213 -15.10 -14.42 12.52
N VAL B 214 -16.43 -14.43 12.55
CA VAL B 214 -17.20 -15.14 11.53
C VAL B 214 -17.31 -14.34 10.24
N ARG B 215 -17.48 -13.02 10.33
CA ARG B 215 -17.60 -12.25 9.10
C ARG B 215 -16.44 -11.36 8.68
N HIS B 216 -15.42 -11.25 9.52
CA HIS B 216 -14.30 -10.41 9.16
C HIS B 216 -12.99 -11.17 9.31
N ASN B 217 -12.29 -11.35 8.19
CA ASN B 217 -11.00 -12.03 8.17
C ASN B 217 -9.98 -10.91 8.23
N ASN B 218 -9.21 -10.91 9.29
CA ASN B 218 -8.22 -9.87 9.52
C ASN B 218 -6.96 -10.02 8.69
N TRP B 219 -6.35 -11.19 8.76
CA TRP B 219 -5.12 -11.46 8.04
C TRP B 219 -5.31 -12.49 6.94
N SER B 220 -4.42 -12.48 5.97
CA SER B 220 -4.45 -13.45 4.88
C SER B 220 -3.04 -13.96 4.67
N LEU B 221 -2.87 -15.27 4.72
CA LEU B 221 -1.57 -15.86 4.50
C LEU B 221 -1.50 -16.24 3.03
N VAL B 222 -0.61 -15.59 2.29
CA VAL B 222 -0.46 -15.86 0.86
C VAL B 222 0.92 -16.44 0.62
N ILE B 223 0.97 -17.55 -0.12
CA ILE B 223 2.23 -18.22 -0.45
C ILE B 223 2.29 -18.37 -1.96
N ILE B 224 3.23 -17.66 -2.58
CA ILE B 224 3.38 -17.71 -4.04
C ILE B 224 4.78 -18.16 -4.39
N PRO B 225 4.89 -19.24 -5.18
CA PRO B 225 6.23 -19.70 -5.55
C PRO B 225 6.78 -18.79 -6.66
N VAL B 226 7.67 -17.87 -6.30
CA VAL B 226 8.26 -16.94 -7.26
C VAL B 226 9.36 -17.59 -8.11
N CYS B 227 9.91 -18.69 -7.61
CA CYS B 227 10.92 -19.44 -8.35
C CYS B 227 10.53 -20.89 -8.35
N GLN B 228 10.23 -21.37 -9.55
CA GLN B 228 9.79 -22.74 -9.79
C GLN B 228 10.64 -23.82 -9.10
N LEU B 229 9.96 -24.83 -8.58
CA LEU B 229 10.61 -25.95 -7.90
C LEU B 229 11.28 -26.82 -8.95
N GLN B 230 12.59 -27.00 -8.83
CA GLN B 230 13.34 -27.81 -9.77
C GLN B 230 14.36 -28.72 -9.10
N SER B 231 14.52 -29.91 -9.64
CA SER B 231 15.48 -30.89 -9.13
C SER B 231 15.56 -32.02 -10.13
N ASN B 232 16.49 -32.93 -9.91
CA ASN B 232 16.65 -34.07 -10.80
C ASN B 232 16.01 -35.29 -10.16
N ASN B 233 15.15 -35.07 -9.18
CA ASN B 233 14.46 -36.16 -8.50
C ASN B 233 13.03 -35.69 -8.27
N ILE B 234 12.32 -35.48 -9.37
CA ILE B 234 10.94 -35.00 -9.31
C ILE B 234 9.91 -35.92 -8.70
N SER B 235 10.17 -37.22 -8.71
CA SER B 235 9.23 -38.18 -8.16
C SER B 235 9.01 -37.97 -6.66
N ASN B 236 10.02 -37.46 -5.98
CA ASN B 236 9.93 -37.22 -4.54
C ASN B 236 9.04 -36.01 -4.33
N ILE B 237 7.89 -36.20 -3.69
CA ILE B 237 6.98 -35.09 -3.44
C ILE B 237 7.49 -34.11 -2.40
N VAL B 238 7.35 -32.81 -2.67
CA VAL B 238 7.78 -31.77 -1.75
C VAL B 238 6.53 -31.04 -1.26
N PRO B 239 6.07 -31.37 -0.05
CA PRO B 239 4.87 -30.72 0.51
C PRO B 239 5.19 -29.39 1.20
N ILE B 240 4.14 -28.65 1.50
CA ILE B 240 4.25 -27.38 2.19
C ILE B 240 3.25 -27.53 3.33
N THR B 241 3.70 -27.40 4.56
CA THR B 241 2.83 -27.53 5.72
C THR B 241 2.79 -26.24 6.51
N VAL B 242 1.61 -25.84 6.96
CA VAL B 242 1.44 -24.60 7.71
C VAL B 242 0.91 -24.88 9.11
N SER B 243 1.58 -24.33 10.12
CA SER B 243 1.14 -24.49 11.50
C SER B 243 0.93 -23.07 12.04
N ILE B 244 -0.29 -22.79 12.49
CA ILE B 244 -0.62 -21.46 13.01
C ILE B 244 -1.01 -21.55 14.48
N SER B 245 -0.48 -20.62 15.27
CA SER B 245 -0.79 -20.60 16.69
C SER B 245 -1.38 -19.27 17.12
N PRO B 246 -2.61 -19.28 17.64
CA PRO B 246 -3.25 -18.05 18.11
C PRO B 246 -2.43 -17.54 19.29
N MET B 247 -2.52 -16.24 19.55
CA MET B 247 -1.80 -15.65 20.66
C MET B 247 -2.69 -14.59 21.29
N CYS B 248 -2.82 -14.67 22.60
CA CYS B 248 -3.64 -13.71 23.35
C CYS B 248 -5.06 -13.73 22.86
N ALA B 249 -5.55 -14.91 22.50
CA ALA B 249 -6.91 -15.02 22.02
C ALA B 249 -7.87 -14.73 23.17
N GLU B 250 -8.79 -13.80 22.94
CA GLU B 250 -9.80 -13.46 23.93
C GLU B 250 -11.10 -13.24 23.18
N PHE B 251 -12.21 -13.65 23.79
CA PHE B 251 -13.52 -13.54 23.15
C PHE B 251 -14.51 -12.84 24.08
N SER B 252 -15.57 -12.30 23.51
CA SER B 252 -16.58 -11.55 24.26
C SER B 252 -17.97 -11.72 23.64
N GLY B 253 -19.02 -11.49 24.42
CA GLY B 253 -20.37 -11.62 23.92
C GLY B 253 -20.80 -13.06 23.73
N ALA B 254 -20.75 -13.83 24.81
CA ALA B 254 -21.10 -15.25 24.78
C ALA B 254 -22.61 -15.45 24.61
N ARG B 255 -22.96 -16.51 23.87
CA ARG B 255 -24.35 -16.86 23.57
C ARG B 255 -24.32 -18.29 23.02
N ALA B 256 -25.26 -18.63 22.16
CA ALA B 256 -25.30 -19.96 21.55
C ALA B 256 -24.28 -20.02 20.42
N LYS B 257 -23.98 -21.23 19.96
CA LYS B 257 -23.01 -21.40 18.88
C LYS B 257 -23.58 -21.05 17.52
N THR B 258 -22.87 -20.18 16.81
CA THR B 258 -23.26 -19.77 15.47
C THR B 258 -22.98 -20.89 14.49
N VAL B 259 -23.97 -21.27 13.71
CA VAL B 259 -23.82 -22.30 12.69
C VAL B 259 -23.92 -21.59 11.34
N VAL B 260 -22.84 -21.63 10.57
CA VAL B 260 -22.82 -20.97 9.27
C VAL B 260 -23.25 -21.95 8.20
N GLN B 261 -24.05 -21.49 7.24
CA GLN B 261 -24.56 -22.34 6.18
C GLN B 261 -23.98 -22.02 4.82
N GLY C 1 -15.49 50.93 11.19
CA GLY C 1 -14.87 49.61 11.03
C GLY C 1 -13.42 49.80 10.67
N LEU C 2 -12.61 48.76 10.89
CA LEU C 2 -11.20 48.80 10.59
C LEU C 2 -11.03 48.85 9.08
N PRO C 3 -10.34 49.87 8.56
CA PRO C 3 -10.14 49.96 7.11
C PRO C 3 -9.26 48.81 6.61
N VAL C 4 -9.74 48.09 5.62
CA VAL C 4 -8.99 46.96 5.06
C VAL C 4 -8.77 47.14 3.56
N TYR C 5 -7.74 46.49 3.06
CA TYR C 5 -7.39 46.54 1.64
C TYR C 5 -7.46 45.12 1.10
N VAL C 6 -8.45 44.84 0.26
CA VAL C 6 -8.60 43.50 -0.29
C VAL C 6 -7.47 43.22 -1.29
N THR C 7 -6.63 42.25 -0.97
CA THR C 7 -5.48 41.90 -1.81
C THR C 7 -5.79 40.92 -2.94
N PRO C 8 -5.03 41.00 -4.05
CA PRO C 8 -5.23 40.10 -5.19
C PRO C 8 -5.07 38.68 -4.68
N GLY C 9 -5.96 37.80 -5.14
CA GLY C 9 -5.93 36.42 -4.71
C GLY C 9 -7.15 36.13 -3.87
N SER C 10 -7.77 37.16 -3.31
CA SER C 10 -8.96 37.00 -2.50
C SER C 10 -10.05 36.28 -3.28
N GLY C 11 -10.80 35.43 -2.58
CA GLY C 11 -11.89 34.71 -3.21
C GLY C 11 -11.54 33.57 -4.13
N GLN C 12 -10.25 33.37 -4.38
CA GLN C 12 -9.81 32.30 -5.26
C GLN C 12 -9.77 31.00 -4.47
N PHE C 13 -9.84 29.87 -5.16
CA PHE C 13 -9.75 28.58 -4.53
C PHE C 13 -8.51 27.92 -5.11
N MET C 14 -7.48 27.76 -4.29
CA MET C 14 -6.26 27.11 -4.72
C MET C 14 -6.23 25.78 -4.00
N THR C 15 -6.21 24.69 -4.76
CA THR C 15 -6.24 23.35 -4.19
C THR C 15 -5.15 23.03 -3.16
N THR C 16 -4.13 23.87 -3.12
CA THR C 16 -3.02 23.66 -2.19
C THR C 16 -2.94 24.72 -1.09
N ASP C 17 -4.00 25.50 -0.91
CA ASP C 17 -3.98 26.53 0.12
C ASP C 17 -4.10 25.89 1.51
N ASP C 18 -3.81 26.65 2.54
CA ASP C 18 -3.91 26.14 3.91
C ASP C 18 -4.68 27.12 4.77
N MET C 19 -6.00 27.16 4.59
CA MET C 19 -6.84 28.05 5.36
C MET C 19 -7.70 27.24 6.32
N GLN C 20 -8.40 27.95 7.20
CA GLN C 20 -9.30 27.33 8.17
C GLN C 20 -10.70 27.56 7.63
N SER C 21 -11.65 26.76 8.07
CA SER C 21 -13.03 26.91 7.63
C SER C 21 -13.94 26.38 8.74
N PRO C 22 -15.15 26.95 8.85
CA PRO C 22 -16.10 26.51 9.88
C PRO C 22 -16.47 25.04 9.78
N CYS C 23 -16.67 24.44 10.94
CA CYS C 23 -17.04 23.05 11.00
C CYS C 23 -18.54 22.83 10.87
N ALA C 24 -18.94 21.98 9.94
CA ALA C 24 -20.35 21.70 9.69
C ALA C 24 -21.03 20.96 10.83
N LEU C 25 -20.26 20.25 11.64
CA LEU C 25 -20.82 19.50 12.76
C LEU C 25 -20.30 19.99 14.10
N PRO C 26 -20.79 21.14 14.58
CA PRO C 26 -20.35 21.67 15.88
C PRO C 26 -20.70 20.75 17.04
N TRP C 27 -19.85 20.76 18.06
CA TRP C 27 -20.05 19.93 19.26
C TRP C 27 -19.77 18.44 19.05
N TYR C 28 -19.62 18.02 17.80
CA TYR C 28 -19.35 16.61 17.51
C TYR C 28 -18.01 16.14 18.08
N HIS C 29 -18.05 15.04 18.82
CA HIS C 29 -16.84 14.48 19.40
C HIS C 29 -16.52 13.18 18.67
N PRO C 30 -15.40 13.14 17.93
CA PRO C 30 -14.94 11.98 17.16
C PRO C 30 -14.64 10.77 18.02
N THR C 31 -14.61 9.62 17.36
CA THR C 31 -14.34 8.35 18.02
C THR C 31 -12.95 8.25 18.59
N LYS C 32 -12.87 7.69 19.79
CA LYS C 32 -11.62 7.47 20.50
C LYS C 32 -10.62 6.78 19.59
N GLU C 33 -9.40 7.30 19.56
CA GLU C 33 -8.35 6.71 18.72
C GLU C 33 -7.79 5.51 19.47
N ILE C 34 -7.72 4.35 18.83
CA ILE C 34 -7.15 3.17 19.48
C ILE C 34 -5.81 2.92 18.83
N PHE C 35 -4.98 2.07 19.45
CA PHE C 35 -3.68 1.76 18.89
C PHE C 35 -3.83 0.75 17.76
N ILE C 36 -3.27 1.10 16.61
CA ILE C 36 -3.27 0.23 15.44
C ILE C 36 -1.82 0.10 15.03
N PRO C 37 -1.31 -1.13 14.91
CA PRO C 37 0.08 -1.34 14.53
C PRO C 37 0.33 -0.92 13.07
N GLY C 38 1.53 -0.44 12.79
CA GLY C 38 1.87 -0.06 11.43
C GLY C 38 1.59 1.36 10.96
N GLU C 39 1.66 2.34 11.84
CA GLU C 39 1.42 3.71 11.44
C GLU C 39 2.56 4.21 10.57
N VAL C 40 2.22 4.90 9.47
CA VAL C 40 3.20 5.46 8.57
C VAL C 40 3.07 6.96 8.73
N LYS C 41 4.19 7.65 8.88
CA LYS C 41 4.17 9.08 9.04
C LYS C 41 4.78 9.81 7.85
N ASN C 42 5.64 9.11 7.11
CA ASN C 42 6.30 9.72 5.97
C ASN C 42 6.51 8.66 4.90
N LEU C 43 6.31 9.04 3.65
CA LEU C 43 6.48 8.13 2.53
C LEU C 43 7.90 7.57 2.41
N ILE C 44 8.87 8.26 2.99
CA ILE C 44 10.25 7.78 2.93
C ILE C 44 10.34 6.39 3.57
N GLU C 45 9.47 6.14 4.54
CA GLU C 45 9.43 4.85 5.23
C GLU C 45 9.14 3.72 4.25
N MET C 46 8.37 4.03 3.21
CA MET C 46 8.01 3.05 2.21
C MET C 46 9.07 2.92 1.12
N CYS C 47 9.84 3.98 0.94
CA CYS C 47 10.89 3.98 -0.06
C CYS C 47 12.09 3.20 0.42
N GLN C 48 12.16 2.99 1.72
CA GLN C 48 13.28 2.29 2.29
C GLN C 48 13.05 0.79 2.36
N VAL C 49 11.93 0.33 1.80
CA VAL C 49 11.60 -1.09 1.80
C VAL C 49 11.82 -1.72 0.41
N ASP C 50 12.49 -2.85 0.41
CA ASP C 50 12.78 -3.58 -0.83
C ASP C 50 11.53 -4.13 -1.49
N THR C 51 11.45 -3.98 -2.81
CA THR C 51 10.35 -4.53 -3.59
C THR C 51 11.00 -5.10 -4.85
N LEU C 52 10.37 -6.12 -5.43
CA LEU C 52 10.91 -6.77 -6.62
C LEU C 52 10.78 -5.96 -7.88
N ILE C 53 11.83 -5.99 -8.70
CA ILE C 53 11.84 -5.27 -9.97
C ILE C 53 11.37 -6.23 -11.06
N PRO C 54 10.37 -5.83 -11.86
CA PRO C 54 9.87 -6.70 -12.94
C PRO C 54 10.88 -6.57 -14.08
N ILE C 55 12.11 -6.99 -13.79
CA ILE C 55 13.23 -6.87 -14.71
C ILE C 55 13.12 -7.65 -16.01
N ASN C 56 12.46 -8.80 -15.95
CA ASN C 56 12.30 -9.62 -17.13
C ASN C 56 10.92 -9.41 -17.74
N SER C 57 10.49 -8.16 -17.79
CA SER C 57 9.19 -7.82 -18.33
C SER C 57 9.09 -7.74 -19.86
N THR C 58 9.46 -8.83 -20.52
CA THR C 58 9.34 -8.86 -21.97
C THR C 58 7.86 -9.14 -22.18
N GLN C 59 7.31 -8.76 -23.33
CA GLN C 59 5.89 -8.96 -23.59
C GLN C 59 5.34 -10.34 -23.26
N SER C 60 6.13 -11.38 -23.50
CA SER C 60 5.69 -12.74 -23.23
C SER C 60 5.65 -13.07 -21.73
N ASN C 61 6.51 -12.42 -20.97
CA ASN C 61 6.56 -12.68 -19.53
C ASN C 61 5.59 -11.84 -18.74
N ILE C 62 5.21 -10.67 -19.26
CA ILE C 62 4.29 -9.79 -18.56
C ILE C 62 2.99 -10.54 -18.29
N GLY C 63 2.58 -10.57 -17.03
CA GLY C 63 1.37 -11.27 -16.66
C GLY C 63 1.73 -12.61 -16.05
N ASN C 64 3.01 -12.79 -15.78
CA ASN C 64 3.51 -14.01 -15.22
C ASN C 64 4.52 -13.67 -14.12
N VAL C 65 4.70 -14.55 -13.16
CA VAL C 65 5.66 -14.26 -12.09
C VAL C 65 7.07 -14.29 -12.65
N SER C 66 7.24 -14.92 -13.81
CA SER C 66 8.55 -15.03 -14.44
C SER C 66 9.13 -13.68 -14.82
N MET C 67 8.28 -12.66 -14.92
CA MET C 67 8.75 -11.34 -15.29
C MET C 67 9.63 -10.75 -14.17
N TYR C 68 9.66 -11.42 -13.02
CA TYR C 68 10.45 -10.96 -11.88
C TYR C 68 11.77 -11.72 -11.70
N THR C 69 12.01 -12.74 -12.52
CA THR C 69 13.22 -13.53 -12.37
C THR C 69 14.17 -13.47 -13.57
N VAL C 70 15.46 -13.54 -13.29
CA VAL C 70 16.48 -13.55 -14.34
C VAL C 70 17.08 -14.95 -14.26
N THR C 71 17.25 -15.61 -15.39
CA THR C 71 17.81 -16.96 -15.39
C THR C 71 19.30 -16.98 -15.67
N LEU C 72 20.01 -17.79 -14.91
CA LEU C 72 21.45 -17.92 -15.05
C LEU C 72 21.73 -19.37 -15.46
N SER C 73 22.81 -19.59 -16.20
CA SER C 73 23.14 -20.94 -16.64
C SER C 73 24.60 -21.03 -17.06
N PRO C 74 25.13 -22.26 -17.17
CA PRO C 74 26.54 -22.45 -17.57
C PRO C 74 26.76 -21.83 -18.95
N GLN C 75 27.76 -20.97 -19.03
CA GLN C 75 28.11 -20.28 -20.27
C GLN C 75 29.24 -20.98 -21.00
N THR C 76 29.31 -20.75 -22.31
CA THR C 76 30.36 -21.32 -23.14
C THR C 76 31.30 -20.20 -23.57
N LYS C 77 30.79 -18.96 -23.48
CA LYS C 77 31.56 -17.78 -23.81
C LYS C 77 31.80 -17.05 -22.49
N LEU C 78 33.00 -16.55 -22.30
CA LEU C 78 33.35 -15.83 -21.08
C LEU C 78 32.87 -14.38 -21.04
N ALA C 79 32.64 -13.88 -19.83
CA ALA C 79 32.21 -12.50 -19.58
C ALA C 79 30.95 -12.05 -20.30
N GLU C 80 29.97 -12.94 -20.40
CA GLU C 80 28.71 -12.63 -21.05
C GLU C 80 27.86 -11.67 -20.23
N GLU C 81 27.01 -10.89 -20.91
CA GLU C 81 26.12 -9.94 -20.25
C GLU C 81 24.88 -10.70 -19.80
N ILE C 82 24.36 -10.33 -18.63
CA ILE C 82 23.17 -10.98 -18.08
C ILE C 82 21.95 -10.07 -18.24
N PHE C 83 22.07 -8.82 -17.80
CA PHE C 83 20.99 -7.85 -17.94
C PHE C 83 21.55 -6.44 -17.92
N ALA C 84 20.73 -5.47 -18.32
CA ALA C 84 21.12 -4.07 -18.36
C ALA C 84 19.87 -3.21 -18.30
N ILE C 85 19.79 -2.33 -17.31
CA ILE C 85 18.64 -1.44 -17.18
C ILE C 85 19.11 -0.03 -16.84
N LYS C 86 18.21 0.93 -16.94
CA LYS C 86 18.54 2.31 -16.61
C LYS C 86 18.39 2.50 -15.11
N VAL C 87 19.20 3.37 -14.55
CA VAL C 87 19.17 3.64 -13.12
C VAL C 87 18.06 4.61 -12.72
N ASP C 88 17.51 5.31 -13.73
CA ASP C 88 16.44 6.27 -13.51
C ASP C 88 15.28 5.69 -12.73
N ILE C 89 15.06 6.26 -11.55
CA ILE C 89 14.05 5.80 -10.62
C ILE C 89 12.63 5.60 -11.16
N ALA C 90 12.20 6.42 -12.11
CA ALA C 90 10.86 6.28 -12.64
C ALA C 90 10.81 5.74 -14.06
N SER C 91 11.92 5.18 -14.53
CA SER C 91 11.97 4.62 -15.88
C SER C 91 11.60 3.15 -15.80
N HIS C 92 11.36 2.51 -16.94
CA HIS C 92 11.02 1.10 -16.95
C HIS C 92 12.32 0.31 -17.05
N PRO C 93 12.40 -0.85 -16.38
CA PRO C 93 11.39 -1.47 -15.54
C PRO C 93 11.29 -1.07 -14.05
N LEU C 94 11.90 0.04 -13.65
CA LEU C 94 11.82 0.45 -12.25
C LEU C 94 10.49 1.12 -11.87
N ALA C 95 9.80 1.67 -12.87
CA ALA C 95 8.55 2.39 -12.68
C ALA C 95 7.50 1.79 -11.74
N THR C 96 7.13 0.52 -11.93
CA THR C 96 6.10 -0.09 -11.09
C THR C 96 6.55 -0.66 -9.73
N THR C 97 7.81 -0.47 -9.37
CA THR C 97 8.27 -0.93 -8.07
C THR C 97 7.74 0.13 -7.10
N LEU C 98 7.62 -0.19 -5.82
CA LEU C 98 7.08 0.77 -4.86
C LEU C 98 7.81 2.13 -4.90
N ILE C 99 9.13 2.11 -4.96
CA ILE C 99 9.90 3.34 -4.98
C ILE C 99 9.65 4.12 -6.28
N GLY C 100 9.49 3.39 -7.39
CA GLY C 100 9.22 4.02 -8.66
C GLY C 100 7.84 4.66 -8.65
N GLU C 101 6.87 3.96 -8.07
CA GLU C 101 5.50 4.45 -7.96
C GLU C 101 5.43 5.71 -7.12
N ILE C 102 6.08 5.68 -5.95
CA ILE C 102 6.09 6.84 -5.07
C ILE C 102 6.82 8.00 -5.73
N ALA C 103 7.93 7.68 -6.41
CA ALA C 103 8.72 8.67 -7.09
C ALA C 103 7.89 9.38 -8.17
N SER C 104 6.97 8.64 -8.78
CA SER C 104 6.11 9.20 -9.83
C SER C 104 5.08 10.20 -9.31
N TYR C 105 5.01 10.34 -7.99
CA TYR C 105 4.10 11.28 -7.35
C TYR C 105 4.86 12.57 -7.05
N PHE C 106 6.12 12.61 -7.46
CA PHE C 106 6.96 13.79 -7.25
C PHE C 106 7.69 14.13 -8.54
N THR C 107 8.23 15.34 -8.61
CA THR C 107 8.93 15.79 -9.79
C THR C 107 10.44 15.67 -9.74
N HIS C 108 11.04 15.86 -8.58
CA HIS C 108 12.50 15.79 -8.44
C HIS C 108 12.87 14.65 -7.50
N TRP C 109 14.05 14.05 -7.73
CA TRP C 109 14.53 12.98 -6.85
C TRP C 109 16.02 13.17 -6.62
N THR C 110 16.55 12.57 -5.55
CA THR C 110 17.98 12.67 -5.25
C THR C 110 18.36 11.52 -4.32
N GLY C 111 19.66 11.30 -4.13
CA GLY C 111 20.10 10.23 -3.25
C GLY C 111 20.57 8.97 -3.95
N SER C 112 21.04 8.00 -3.15
CA SER C 112 21.54 6.76 -3.71
C SER C 112 20.51 5.63 -3.67
N LEU C 113 20.59 4.75 -4.66
CA LEU C 113 19.67 3.63 -4.76
C LEU C 113 20.38 2.37 -4.32
N ARG C 114 19.63 1.47 -3.71
CA ARG C 114 20.16 0.21 -3.23
C ARG C 114 19.52 -0.93 -4.01
N PHE C 115 20.32 -1.63 -4.81
CA PHE C 115 19.85 -2.75 -5.62
C PHE C 115 20.33 -4.05 -4.99
N SER C 116 19.40 -4.96 -4.70
CA SER C 116 19.78 -6.23 -4.11
C SER C 116 19.43 -7.37 -5.03
N PHE C 117 20.22 -8.44 -4.97
CA PHE C 117 19.99 -9.60 -5.82
C PHE C 117 20.10 -10.86 -5.01
N MET C 118 19.06 -11.70 -5.06
CA MET C 118 19.05 -12.95 -4.31
C MET C 118 19.14 -14.15 -5.27
N PHE C 119 20.13 -15.00 -5.05
CA PHE C 119 20.35 -16.19 -5.87
C PHE C 119 19.41 -17.30 -5.42
N CYS C 120 18.67 -17.89 -6.34
CA CYS C 120 17.73 -18.94 -5.99
C CYS C 120 18.06 -20.31 -6.54
N GLY C 121 19.33 -20.57 -6.80
CA GLY C 121 19.73 -21.87 -7.30
C GLY C 121 19.84 -22.85 -6.16
N THR C 122 20.35 -24.04 -6.43
CA THR C 122 20.50 -25.03 -5.37
C THR C 122 21.65 -24.62 -4.46
N ALA C 123 21.76 -25.30 -3.33
CA ALA C 123 22.82 -25.02 -2.36
C ALA C 123 24.18 -25.43 -2.93
N ASN C 124 24.17 -26.27 -3.97
CA ASN C 124 25.41 -26.74 -4.56
C ASN C 124 25.84 -25.98 -5.81
N THR C 125 25.06 -24.97 -6.20
CA THR C 125 25.36 -24.17 -7.37
C THR C 125 26.23 -22.97 -7.00
N THR C 126 27.34 -22.79 -7.70
CA THR C 126 28.24 -21.68 -7.43
C THR C 126 28.19 -20.68 -8.58
N LEU C 127 28.66 -19.46 -8.34
CA LEU C 127 28.64 -18.41 -9.35
C LEU C 127 29.28 -17.13 -8.83
N LYS C 128 29.97 -16.41 -9.71
CA LYS C 128 30.58 -15.11 -9.38
C LYS C 128 30.09 -14.19 -10.49
N VAL C 129 29.43 -13.11 -10.09
CA VAL C 129 28.87 -12.14 -11.02
C VAL C 129 29.40 -10.74 -10.74
N LEU C 130 29.50 -9.91 -11.77
CA LEU C 130 29.97 -8.55 -11.60
C LEU C 130 28.79 -7.60 -11.88
N LEU C 131 28.41 -6.80 -10.89
CA LEU C 131 27.32 -5.85 -11.02
C LEU C 131 27.93 -4.46 -11.14
N ALA C 132 27.68 -3.75 -12.23
CA ALA C 132 28.28 -2.44 -12.41
C ALA C 132 27.32 -1.31 -12.67
N TYR C 133 27.68 -0.13 -12.19
CA TYR C 133 26.92 1.10 -12.37
C TYR C 133 27.81 2.03 -13.20
N THR C 134 27.30 2.46 -14.35
CA THR C 134 28.02 3.35 -15.23
C THR C 134 27.44 4.76 -15.10
N PRO C 135 28.22 5.70 -14.53
CA PRO C 135 27.74 7.09 -14.39
C PRO C 135 27.44 7.64 -15.77
N PRO C 136 26.60 8.68 -15.84
CA PRO C 136 26.24 9.28 -17.13
C PRO C 136 27.40 9.90 -17.93
N GLY C 137 27.07 10.37 -19.13
CA GLY C 137 28.07 10.99 -19.97
C GLY C 137 28.78 10.01 -20.88
N ILE C 138 28.23 8.80 -21.00
CA ILE C 138 28.80 7.75 -21.82
C ILE C 138 27.67 6.74 -22.07
N GLY C 139 27.84 5.87 -23.06
CA GLY C 139 26.82 4.87 -23.34
C GLY C 139 26.93 3.67 -22.44
N LYS C 140 25.96 2.76 -22.50
CA LYS C 140 26.04 1.58 -21.64
C LYS C 140 27.25 0.77 -22.10
N PRO C 141 27.98 0.18 -21.15
CA PRO C 141 29.16 -0.62 -21.50
C PRO C 141 28.83 -1.76 -22.46
N ARG C 142 29.71 -1.93 -23.44
CA ARG C 142 29.54 -2.98 -24.44
C ARG C 142 30.20 -4.27 -23.96
N SER C 143 31.06 -4.18 -22.96
CA SER C 143 31.73 -5.37 -22.45
C SER C 143 31.94 -5.28 -20.95
N ARG C 144 32.35 -6.40 -20.36
CA ARG C 144 32.61 -6.45 -18.94
C ARG C 144 33.77 -5.52 -18.59
N LYS C 145 34.81 -5.50 -19.43
CA LYS C 145 35.96 -4.64 -19.17
C LYS C 145 35.54 -3.18 -19.11
N GLU C 146 34.61 -2.82 -19.99
CA GLU C 146 34.12 -1.46 -20.06
C GLU C 146 33.29 -1.13 -18.82
N ALA C 147 32.44 -2.06 -18.40
CA ALA C 147 31.59 -1.89 -17.23
C ALA C 147 32.40 -1.80 -15.94
N MET C 148 33.36 -2.71 -15.83
CA MET C 148 34.26 -2.85 -14.70
C MET C 148 34.99 -1.55 -14.34
N LEU C 149 35.17 -0.66 -15.31
CA LEU C 149 35.85 0.60 -15.07
C LEU C 149 35.02 1.59 -14.25
N GLY C 150 33.74 1.29 -14.07
CA GLY C 150 32.86 2.15 -13.29
C GLY C 150 32.68 1.60 -11.89
N THR C 151 31.60 2.01 -11.22
CA THR C 151 31.32 1.53 -9.87
C THR C 151 30.84 0.09 -10.02
N HIS C 152 31.35 -0.82 -9.19
CA HIS C 152 30.91 -2.21 -9.30
C HIS C 152 31.15 -3.05 -8.07
N VAL C 153 30.45 -4.18 -8.01
CA VAL C 153 30.55 -5.14 -6.92
C VAL C 153 30.69 -6.52 -7.55
N VAL C 154 31.65 -7.31 -7.07
CA VAL C 154 31.84 -8.66 -7.56
C VAL C 154 31.16 -9.53 -6.50
N TRP C 155 30.05 -10.12 -6.90
CA TRP C 155 29.24 -10.97 -6.05
C TRP C 155 29.61 -12.45 -6.11
N ASP C 156 30.01 -13.01 -4.97
CA ASP C 156 30.35 -14.43 -4.89
C ASP C 156 29.16 -15.13 -4.21
N VAL C 157 28.46 -15.99 -4.93
CA VAL C 157 27.33 -16.67 -4.31
C VAL C 157 27.83 -17.75 -3.38
N GLY C 158 27.24 -17.78 -2.19
CA GLY C 158 27.64 -18.75 -1.20
C GLY C 158 26.54 -18.92 -0.18
N LEU C 159 26.93 -19.04 1.08
CA LEU C 159 26.01 -19.21 2.20
C LEU C 159 24.98 -18.10 2.25
N GLN C 160 25.42 -16.86 2.08
CA GLN C 160 24.51 -15.73 2.08
C GLN C 160 24.05 -15.49 0.66
N SER C 161 22.74 -15.65 0.47
CA SER C 161 22.09 -15.53 -0.83
C SER C 161 22.02 -14.18 -1.51
N THR C 162 21.84 -13.13 -0.72
CA THR C 162 21.67 -11.79 -1.27
C THR C 162 22.91 -10.90 -1.22
N VAL C 163 23.03 -10.02 -2.22
CA VAL C 163 24.12 -9.05 -2.32
C VAL C 163 23.47 -7.71 -2.65
N SER C 164 24.14 -6.62 -2.27
CA SER C 164 23.61 -5.29 -2.56
C SER C 164 24.63 -4.41 -3.25
N LEU C 165 24.19 -3.73 -4.30
CA LEU C 165 25.01 -2.82 -5.06
C LEU C 165 24.37 -1.47 -4.78
N VAL C 166 25.18 -0.49 -4.37
CA VAL C 166 24.65 0.83 -4.11
C VAL C 166 25.02 1.75 -5.27
N VAL C 167 24.02 2.41 -5.85
CA VAL C 167 24.25 3.34 -6.94
C VAL C 167 24.35 4.72 -6.26
N PRO C 168 25.58 5.23 -6.09
CA PRO C 168 25.86 6.51 -5.45
C PRO C 168 25.26 7.69 -6.20
N TRP C 169 24.93 8.74 -5.48
CA TRP C 169 24.39 9.92 -6.14
C TRP C 169 25.58 10.65 -6.77
N ILE C 170 25.74 10.47 -8.08
CA ILE C 170 26.81 11.13 -8.85
C ILE C 170 26.09 11.95 -9.90
N SER C 171 25.97 13.24 -9.63
CA SER C 171 25.27 14.16 -10.51
C SER C 171 25.83 15.58 -10.44
N ALA C 172 25.57 16.36 -11.48
CA ALA C 172 26.00 17.74 -11.55
C ALA C 172 25.03 18.52 -10.66
N SER C 173 23.74 18.39 -10.95
CA SER C 173 22.68 19.05 -10.20
C SER C 173 22.34 18.28 -8.93
N GLN C 174 21.87 18.98 -7.90
CA GLN C 174 21.52 18.36 -6.62
C GLN C 174 20.34 17.40 -6.77
N TYR C 175 19.44 17.70 -7.69
CA TYR C 175 18.27 16.86 -7.95
C TYR C 175 18.20 16.56 -9.42
N ARG C 176 17.45 15.53 -9.76
CA ARG C 176 17.23 15.12 -11.14
C ARG C 176 15.72 15.03 -11.32
N PHE C 177 15.26 15.07 -12.56
CA PHE C 177 13.85 14.95 -12.83
C PHE C 177 13.45 13.51 -12.74
N THR C 178 12.29 13.29 -12.15
CA THR C 178 11.72 11.98 -11.97
C THR C 178 11.29 11.42 -13.32
N THR C 179 10.76 12.30 -14.16
CA THR C 179 10.34 11.92 -15.49
C THR C 179 11.58 11.84 -16.37
N PRO C 180 11.57 10.97 -17.39
CA PRO C 180 12.69 10.80 -18.31
C PRO C 180 13.14 12.11 -18.96
N ASP C 181 14.32 12.56 -18.56
CA ASP C 181 14.89 13.81 -19.07
C ASP C 181 16.35 13.57 -19.46
N THR C 182 16.68 13.98 -20.68
CA THR C 182 18.03 13.81 -21.23
C THR C 182 19.11 14.36 -20.29
N TYR C 183 18.98 15.64 -19.94
CA TYR C 183 19.93 16.30 -19.08
C TYR C 183 20.12 15.57 -17.73
N SER C 184 19.05 14.98 -17.21
CA SER C 184 19.15 14.31 -15.93
C SER C 184 19.14 12.78 -15.91
N SER C 185 19.57 12.15 -16.99
CA SER C 185 19.61 10.68 -17.02
C SER C 185 20.72 10.18 -16.08
N ALA C 186 20.36 9.34 -15.12
CA ALA C 186 21.28 8.84 -14.11
C ALA C 186 22.33 7.78 -14.47
N GLY C 187 22.18 7.11 -15.61
CA GLY C 187 23.15 6.09 -15.99
C GLY C 187 22.59 4.69 -16.15
N TYR C 188 23.47 3.70 -16.17
CA TYR C 188 23.02 2.32 -16.34
C TYR C 188 23.62 1.33 -15.35
N ILE C 189 22.86 0.30 -15.01
CA ILE C 189 23.39 -0.74 -14.13
C ILE C 189 23.40 -2.03 -14.99
N THR C 190 24.57 -2.63 -15.21
CA THR C 190 24.68 -3.85 -16.00
C THR C 190 25.19 -5.01 -15.15
N CYS C 191 24.95 -6.23 -15.61
CA CYS C 191 25.37 -7.40 -14.89
C CYS C 191 26.08 -8.35 -15.84
N TRP C 192 27.26 -8.84 -15.44
CA TRP C 192 28.06 -9.74 -16.28
C TRP C 192 28.54 -10.95 -15.51
N TYR C 193 28.94 -12.00 -16.23
CA TYR C 193 29.47 -13.19 -15.56
C TYR C 193 30.92 -12.90 -15.21
N GLN C 194 31.28 -13.05 -13.94
CA GLN C 194 32.66 -12.83 -13.53
C GLN C 194 33.45 -14.09 -13.83
N THR C 195 32.81 -15.22 -13.63
CA THR C 195 33.43 -16.51 -13.90
C THR C 195 32.40 -17.31 -14.71
N ASN C 196 31.66 -18.19 -14.02
CA ASN C 196 30.63 -19.02 -14.64
C ASN C 196 29.75 -19.67 -13.57
N PHE C 197 28.59 -20.11 -14.02
CA PHE C 197 27.59 -20.81 -13.22
C PHE C 197 28.09 -22.25 -13.24
N VAL C 198 28.54 -22.77 -12.10
CA VAL C 198 29.05 -24.15 -12.05
C VAL C 198 28.18 -24.99 -11.14
N VAL C 199 27.93 -26.24 -11.56
CA VAL C 199 27.12 -27.19 -10.78
C VAL C 199 27.69 -28.60 -10.83
N PRO C 200 27.36 -29.43 -9.82
CA PRO C 200 27.84 -30.81 -9.78
C PRO C 200 26.92 -31.61 -10.70
N PRO C 201 27.25 -32.88 -10.96
CA PRO C 201 26.35 -33.63 -11.83
C PRO C 201 25.02 -33.87 -11.08
N ASN C 202 23.93 -34.03 -11.82
CA ASN C 202 22.59 -34.29 -11.26
C ASN C 202 21.98 -33.09 -10.54
N THR C 203 22.32 -31.91 -11.03
CA THR C 203 21.83 -30.67 -10.45
C THR C 203 21.28 -29.86 -11.61
N PRO C 204 20.14 -29.18 -11.40
CA PRO C 204 19.56 -28.37 -12.48
C PRO C 204 20.56 -27.39 -13.08
N ASN C 205 20.58 -27.31 -14.41
CA ASN C 205 21.50 -26.45 -15.12
C ASN C 205 21.09 -25.00 -15.31
N THR C 206 20.07 -24.55 -14.59
CA THR C 206 19.65 -23.16 -14.67
C THR C 206 19.17 -22.80 -13.29
N ALA C 207 19.22 -21.52 -12.97
CA ALA C 207 18.77 -21.07 -11.68
C ALA C 207 18.22 -19.68 -11.86
N GLU C 208 17.33 -19.28 -10.97
CA GLU C 208 16.71 -17.96 -11.03
C GLU C 208 17.38 -17.00 -10.06
N MET C 209 17.15 -15.72 -10.30
CA MET C 209 17.72 -14.67 -9.47
C MET C 209 16.64 -13.60 -9.33
N LEU C 210 16.42 -13.11 -8.11
CA LEU C 210 15.43 -12.06 -7.87
C LEU C 210 16.14 -10.73 -7.67
N CYS C 211 15.54 -9.63 -8.12
CA CYS C 211 16.14 -8.31 -8.01
C CYS C 211 15.26 -7.36 -7.20
N PHE C 212 15.85 -6.68 -6.22
CA PHE C 212 15.12 -5.76 -5.37
C PHE C 212 15.67 -4.34 -5.51
N VAL C 213 14.89 -3.36 -5.09
CA VAL C 213 15.34 -1.97 -5.14
C VAL C 213 14.69 -1.18 -4.01
N SER C 214 15.47 -0.29 -3.40
CA SER C 214 15.01 0.58 -2.32
C SER C 214 15.94 1.80 -2.24
N GLY C 215 15.57 2.79 -1.44
CA GLY C 215 16.39 3.98 -1.32
C GLY C 215 17.30 4.01 -0.11
N CYS C 216 18.46 4.65 -0.26
CA CYS C 216 19.40 4.75 0.84
C CYS C 216 19.01 5.89 1.77
N LYS C 217 19.81 6.06 2.83
CA LYS C 217 19.57 7.07 3.85
C LYS C 217 19.39 8.47 3.31
N ASP C 218 19.80 8.69 2.10
CA ASP C 218 19.74 10.05 1.54
C ASP C 218 18.82 10.17 0.33
N PHE C 219 17.93 9.22 0.17
CA PHE C 219 16.97 9.31 -0.93
C PHE C 219 15.93 10.34 -0.53
N CYS C 220 15.52 11.18 -1.47
CA CYS C 220 14.55 12.20 -1.15
C CYS C 220 13.77 12.60 -2.40
N LEU C 221 12.47 12.81 -2.26
CA LEU C 221 11.62 13.20 -3.37
C LEU C 221 11.12 14.61 -3.10
N ARG C 222 10.86 15.37 -4.16
CA ARG C 222 10.45 16.76 -4.01
C ARG C 222 9.46 17.17 -5.10
N MET C 223 8.63 18.17 -4.80
CA MET C 223 7.61 18.70 -5.72
C MET C 223 6.52 17.71 -6.11
N ALA C 224 5.48 17.63 -5.29
CA ALA C 224 4.38 16.71 -5.54
C ALA C 224 3.65 16.96 -6.85
N ARG C 225 3.36 15.87 -7.55
CA ARG C 225 2.65 15.93 -8.83
C ARG C 225 1.78 14.70 -8.96
N ASP C 226 0.83 14.74 -9.89
CA ASP C 226 -0.03 13.59 -10.09
C ASP C 226 0.74 12.58 -10.94
N THR C 227 0.53 11.30 -10.66
CA THR C 227 1.22 10.24 -11.38
C THR C 227 0.68 9.97 -12.77
N ASP C 228 1.57 9.46 -13.61
CA ASP C 228 1.25 9.11 -14.97
C ASP C 228 1.28 7.58 -15.08
N LEU C 229 1.36 6.91 -13.94
CA LEU C 229 1.38 5.45 -13.93
C LEU C 229 0.01 4.85 -13.69
N HIS C 230 -1.02 5.68 -13.69
CA HIS C 230 -2.39 5.22 -13.49
C HIS C 230 -3.31 6.25 -14.13
N LYS C 231 -4.38 5.78 -14.76
CA LYS C 231 -5.32 6.66 -15.44
C LYS C 231 -6.75 6.23 -15.17
N GLN C 232 -7.68 7.07 -15.61
CA GLN C 232 -9.09 6.80 -15.46
C GLN C 232 -9.67 7.14 -16.82
N THR C 233 -10.10 6.13 -17.57
CA THR C 233 -10.63 6.35 -18.89
C THR C 233 -12.16 6.32 -18.94
N GLY C 234 -12.80 6.36 -17.78
CA GLY C 234 -14.25 6.33 -17.73
C GLY C 234 -14.75 6.52 -16.31
N PRO C 235 -16.07 6.63 -16.11
CA PRO C 235 -16.60 6.82 -14.76
C PRO C 235 -16.54 5.55 -13.92
N ILE C 236 -16.16 5.70 -12.66
CA ILE C 236 -16.12 4.58 -11.74
C ILE C 236 -17.50 4.55 -11.13
N THR C 237 -18.28 3.53 -11.51
CA THR C 237 -19.65 3.42 -11.02
C THR C 237 -19.84 2.49 -9.84
N GLN C 238 -21.05 2.53 -9.30
CA GLN C 238 -21.44 1.70 -8.18
C GLN C 238 -21.81 0.31 -8.67
N GLY D 1 -8.28 31.88 19.47
CA GLY D 1 -7.46 30.84 20.07
C GLY D 1 -6.04 31.20 19.60
N ALA D 2 -5.16 31.62 20.52
CA ALA D 2 -3.84 32.10 20.08
C ALA D 2 -2.67 31.64 20.96
N GLN D 3 -1.79 30.91 20.29
CA GLN D 3 -0.53 30.42 20.86
C GLN D 3 0.56 31.43 20.54
N VAL D 4 0.81 32.27 21.53
CA VAL D 4 1.78 33.37 21.42
C VAL D 4 3.12 32.97 22.02
N SER D 5 4.10 32.97 21.14
CA SER D 5 5.48 32.67 21.50
C SER D 5 6.30 33.93 21.38
N ARG D 6 7.43 33.89 21.99
CA ARG D 6 8.30 35.02 21.94
C ARG D 6 9.72 34.54 21.82
N GLN D 7 10.45 35.34 21.08
CA GLN D 7 11.86 35.14 20.83
C GLN D 7 12.48 36.47 20.37
N SER D 23 12.02 41.15 18.76
CA SER D 23 11.49 39.82 19.14
C SER D 23 10.68 39.20 18.02
N LEU D 24 10.82 37.91 17.85
CA LEU D 24 10.03 37.17 16.86
C LEU D 24 8.88 36.46 17.56
N ASN D 25 7.78 37.18 17.68
CA ASN D 25 6.62 36.66 18.35
C ASN D 25 5.80 35.87 17.36
N TYR D 26 5.38 34.67 17.75
CA TYR D 26 4.59 33.82 16.87
C TYR D 26 3.16 33.64 17.37
N PHE D 27 2.20 33.94 16.51
CA PHE D 27 0.79 33.79 16.84
C PHE D 27 0.16 32.66 16.05
N ASN D 28 -0.18 31.58 16.75
CA ASN D 28 -0.80 30.45 16.09
C ASN D 28 -2.28 30.49 16.42
N ILE D 29 -3.01 31.36 15.72
CA ILE D 29 -4.43 31.55 15.95
C ILE D 29 -5.34 30.50 15.34
N ASN D 30 -6.41 30.18 16.06
CA ASN D 30 -7.38 29.22 15.59
C ASN D 30 -8.73 29.90 15.62
N TYR D 31 -9.14 30.44 14.48
CA TYR D 31 -10.37 31.20 14.37
C TYR D 31 -11.69 30.53 14.71
N PHE D 32 -11.75 29.20 14.73
CA PHE D 32 -13.00 28.52 15.03
C PHE D 32 -12.86 27.58 16.24
N LYS D 33 -13.97 27.34 16.91
CA LYS D 33 -13.99 26.52 18.12
C LYS D 33 -13.94 25.00 17.93
N ASP D 34 -13.88 24.52 16.69
CA ASP D 34 -13.81 23.07 16.46
C ASP D 34 -12.46 22.70 15.91
N ALA D 35 -11.84 21.66 16.49
CA ALA D 35 -10.53 21.22 16.05
C ALA D 35 -10.43 20.91 14.57
N ALA D 36 -11.51 20.39 13.99
CA ALA D 36 -11.52 20.06 12.58
C ALA D 36 -11.31 21.29 11.71
N SER D 37 -11.72 22.45 12.23
CA SER D 37 -11.60 23.70 11.50
C SER D 37 -10.19 24.18 11.23
N SER D 38 -9.24 23.77 12.05
CA SER D 38 -7.88 24.22 11.87
C SER D 38 -7.23 23.69 10.58
N GLY D 39 -6.15 24.34 10.15
CA GLY D 39 -5.45 23.96 8.95
C GLY D 39 -4.57 22.72 9.08
N ALA D 40 -3.61 22.58 8.17
CA ALA D 40 -2.71 21.43 8.15
C ALA D 40 -1.94 21.29 9.44
N SER D 41 -1.58 20.07 9.77
CA SER D 41 -0.86 19.78 11.00
C SER D 41 0.65 19.99 10.89
N ARG D 42 1.25 20.10 12.07
CA ARG D 42 2.70 20.25 12.23
C ARG D 42 3.32 18.86 12.15
N LEU D 43 4.59 18.82 11.78
CA LEU D 43 5.29 17.54 11.63
C LEU D 43 5.93 17.12 12.97
N ASP D 44 5.89 15.80 13.14
CA ASP D 44 6.35 15.07 14.35
C ASP D 44 7.92 14.93 14.40
#